data_6AZJ
#
_entry.id   6AZJ
#
_cell.length_a   61.230
_cell.length_b   157.720
_cell.length_c   192.180
_cell.angle_alpha   90.00
_cell.angle_beta   90.00
_cell.angle_gamma   90.00
#
_symmetry.space_group_name_H-M   'C 2 2 21'
#
loop_
_entity.id
_entity.type
_entity.pdbx_description
1 polymer 'Nicotinamide phosphoribosyltransferase'
2 non-polymer (1S,2S)-N-{4-[(1,3-dioxo-1,3-dihydro-2H-isoindol-2-yl)methyl]phenyl}-2-(pyridin-3-yl)cyclopropane-1-carboxamide
3 water water
#
_entity_poly.entity_id   1
_entity_poly.type   'polypeptide(L)'
_entity_poly.pdbx_seq_one_letter_code
;AHHHHHHSAAENLYFQGEFNILLATDSYKVTHYKQYPPNTSKVYSYFECREKKTENSKLRKVKYEETVFYGLQYILNKYL
KGKVVTKEKIQEAKDVYKEHFQDDVFNEKGWNYILEKYDGHLPIEIKAVPEGFVIPRGNVLFTVENTDPECYWLTNWIET
ILVQSWYPITVATNSREQKKILAKYLLETSGNLDGLEYKLHDFGYRGVSSQETAGIGASAHLVNFKGTDTVAGLALIKKY
YGTKDPVPGYSVPAAEHSTITAWGKDHEKDAFEHIVTQFSSVPVSVVSDSYDIYNACEKIWGEDLRHLIVSRSTQAPLII
RPDSGNPLDTVLKVLEILGKKFPVTENSKGYKLLPPYLRVIQGDGVDINTLQEIVEGMKQKMWSIENIAFGSGGGLLQKL
TRDLLNCSFKCSYVVTNGLGINVFKDPVADPNKRSKKGRLSLHRTPAGNFVTLEEGKGDLEEYGQDLLHTVFKNGKVTKS
YSFDEIRKNAQLNIE
;
_entity_poly.pdbx_strand_id   A,B
#
loop_
_chem_comp.id
_chem_comp.type
_chem_comp.name
_chem_comp.formula
C5V non-polymer (1S,2S)-N-{4-[(1,3-dioxo-1,3-dihydro-2H-isoindol-2-yl)methyl]phenyl}-2-(pyridin-3-yl)cyclopropane-1-carboxamide 'C24 H19 N3 O3'
#
# COMPACT_ATOMS: atom_id res chain seq x y z
N PHE A 19 -10.57 -15.52 4.62
CA PHE A 19 -10.64 -15.06 3.23
C PHE A 19 -11.68 -15.81 2.40
N ASN A 20 -12.51 -15.04 1.68
CA ASN A 20 -13.59 -15.52 0.81
C ASN A 20 -13.57 -14.74 -0.54
N ILE A 21 -13.20 -15.45 -1.62
CA ILE A 21 -13.07 -14.92 -2.98
C ILE A 21 -14.34 -14.30 -3.50
N LEU A 22 -15.48 -14.76 -2.98
CA LEU A 22 -16.80 -14.28 -3.32
C LEU A 22 -16.99 -12.86 -2.77
N LEU A 23 -16.12 -12.42 -1.83
CA LEU A 23 -16.14 -11.07 -1.26
C LEU A 23 -14.81 -10.33 -1.57
N ALA A 24 -14.10 -10.82 -2.60
CA ALA A 24 -12.81 -10.28 -2.97
C ALA A 24 -12.80 -9.72 -4.39
N THR A 25 -13.70 -8.79 -4.66
CA THR A 25 -13.84 -8.17 -5.98
C THR A 25 -14.48 -6.81 -5.79
N ASP A 26 -14.40 -5.96 -6.82
CA ASP A 26 -15.08 -4.68 -6.86
C ASP A 26 -16.57 -5.02 -6.89
N SER A 27 -17.39 -4.37 -6.04
CA SER A 27 -18.85 -4.60 -5.89
C SER A 27 -19.62 -4.70 -7.20
N TYR A 28 -19.43 -3.74 -8.12
CA TYR A 28 -20.15 -3.68 -9.39
C TYR A 28 -19.99 -4.92 -10.27
N LYS A 29 -18.84 -5.63 -10.12
CA LYS A 29 -18.52 -6.85 -10.82
C LYS A 29 -19.38 -8.05 -10.39
N VAL A 30 -20.06 -7.95 -9.24
CA VAL A 30 -20.94 -9.00 -8.74
C VAL A 30 -22.18 -9.08 -9.64
N THR A 31 -22.58 -7.92 -10.19
CA THR A 31 -23.74 -7.76 -11.06
C THR A 31 -23.47 -8.05 -12.56
N HIS A 32 -22.22 -8.30 -12.97
CA HIS A 32 -21.83 -8.54 -14.37
C HIS A 32 -22.42 -9.75 -15.11
N TYR A 33 -22.81 -10.82 -14.38
CA TYR A 33 -23.42 -12.04 -14.94
C TYR A 33 -24.79 -11.77 -15.57
N LYS A 34 -25.34 -10.58 -15.32
CA LYS A 34 -26.62 -10.10 -15.82
C LYS A 34 -26.43 -9.05 -16.92
N GLN A 35 -25.18 -8.71 -17.25
CA GLN A 35 -24.86 -7.64 -18.20
C GLN A 35 -24.29 -8.05 -19.55
N TYR A 36 -24.01 -9.33 -19.71
CA TYR A 36 -23.43 -9.84 -20.94
C TYR A 36 -24.51 -10.25 -21.93
N PRO A 37 -24.22 -10.22 -23.28
CA PRO A 37 -25.21 -10.74 -24.25
C PRO A 37 -25.47 -12.22 -23.91
N PRO A 38 -26.65 -12.81 -24.19
CA PRO A 38 -26.83 -14.23 -23.85
C PRO A 38 -25.93 -15.10 -24.73
N ASN A 39 -25.66 -16.34 -24.29
CA ASN A 39 -24.76 -17.26 -24.97
C ASN A 39 -23.30 -16.80 -25.06
N THR A 40 -22.89 -15.95 -24.09
CA THR A 40 -21.52 -15.50 -23.95
C THR A 40 -20.83 -16.72 -23.30
N SER A 41 -19.92 -17.37 -24.04
CA SER A 41 -19.20 -18.56 -23.58
C SER A 41 -17.76 -18.26 -23.13
N LYS A 42 -17.13 -17.17 -23.65
CA LYS A 42 -15.75 -16.81 -23.37
C LYS A 42 -15.50 -15.30 -23.16
N VAL A 43 -14.83 -14.95 -22.06
CA VAL A 43 -14.36 -13.60 -21.71
C VAL A 43 -12.86 -13.77 -21.51
N TYR A 44 -12.07 -13.12 -22.38
CA TYR A 44 -10.62 -13.19 -22.40
C TYR A 44 -10.02 -11.80 -22.15
N SER A 45 -9.16 -11.74 -21.14
CA SER A 45 -8.59 -10.48 -20.70
C SER A 45 -7.12 -10.65 -20.50
N TYR A 46 -6.41 -9.53 -20.53
CA TYR A 46 -4.96 -9.56 -20.42
C TYR A 46 -4.45 -8.38 -19.57
N PHE A 47 -3.20 -8.51 -19.11
CA PHE A 47 -2.51 -7.50 -18.33
C PHE A 47 -1.21 -7.05 -19.01
N GLU A 48 -0.97 -5.74 -19.00
CA GLU A 48 0.25 -5.12 -19.51
C GLU A 48 0.58 -3.84 -18.72
N CYS A 49 1.81 -3.39 -18.89
CA CYS A 49 2.26 -2.11 -18.38
C CYS A 49 2.37 -1.22 -19.66
N ARG A 50 1.28 -0.50 -19.98
CA ARG A 50 1.14 0.33 -21.19
C ARG A 50 2.23 1.36 -21.40
N GLU A 51 2.53 1.66 -22.67
CA GLU A 51 3.47 2.71 -23.06
C GLU A 51 2.78 4.08 -22.94
N LYS A 52 3.57 5.17 -23.03
CA LYS A 52 3.12 6.58 -22.99
C LYS A 52 2.47 6.96 -21.66
N LYS A 63 11.16 6.77 -18.24
CA LYS A 63 12.38 6.21 -17.64
C LYS A 63 12.33 4.71 -17.31
N TYR A 64 11.14 4.16 -17.06
CA TYR A 64 10.94 2.73 -16.78
C TYR A 64 10.50 2.09 -18.10
N GLU A 65 11.45 1.83 -18.97
CA GLU A 65 11.21 1.32 -20.32
C GLU A 65 10.96 -0.19 -20.38
N GLU A 66 11.27 -0.90 -19.28
CA GLU A 66 11.07 -2.34 -19.13
C GLU A 66 10.64 -2.71 -17.71
N THR A 67 9.86 -3.78 -17.56
CA THR A 67 9.36 -4.21 -16.26
C THR A 67 9.83 -5.62 -15.87
N VAL A 68 9.88 -5.88 -14.55
CA VAL A 68 10.19 -7.17 -13.97
C VAL A 68 8.86 -7.78 -13.64
N PHE A 69 8.51 -8.88 -14.33
CA PHE A 69 7.23 -9.53 -14.07
C PHE A 69 7.37 -10.39 -12.83
N TYR A 70 6.76 -9.95 -11.71
CA TYR A 70 6.88 -10.66 -10.42
C TYR A 70 5.60 -10.54 -9.56
N GLY A 71 5.27 -11.56 -8.78
CA GLY A 71 4.12 -11.52 -7.87
C GLY A 71 2.89 -12.35 -8.14
N LEU A 72 2.64 -12.75 -9.40
CA LEU A 72 1.45 -13.55 -9.73
C LEU A 72 1.34 -14.85 -8.94
N GLN A 73 2.46 -15.65 -8.86
CA GLN A 73 2.50 -16.92 -8.14
C GLN A 73 1.97 -16.83 -6.73
N TYR A 74 2.29 -15.71 -6.01
CA TYR A 74 1.84 -15.39 -4.64
C TYR A 74 0.33 -15.40 -4.60
N ILE A 75 -0.28 -14.55 -5.44
CA ILE A 75 -1.72 -14.42 -5.60
C ILE A 75 -2.37 -15.77 -5.92
N LEU A 76 -1.83 -16.49 -6.92
CA LEU A 76 -2.37 -17.77 -7.38
C LEU A 76 -2.47 -18.82 -6.27
N ASN A 77 -1.42 -18.93 -5.41
CA ASN A 77 -1.32 -19.91 -4.35
C ASN A 77 -2.16 -19.53 -3.15
N LYS A 78 -1.94 -18.30 -2.60
CA LYS A 78 -2.63 -17.78 -1.44
C LYS A 78 -4.15 -17.56 -1.60
N TYR A 79 -4.61 -17.06 -2.76
CA TYR A 79 -6.01 -16.72 -2.95
C TYR A 79 -6.85 -17.49 -3.93
N LEU A 80 -6.25 -18.06 -5.01
CA LEU A 80 -7.04 -18.70 -6.07
C LEU A 80 -7.05 -20.23 -6.13
N LYS A 81 -5.94 -20.90 -5.71
CA LYS A 81 -5.85 -22.35 -5.83
C LYS A 81 -6.71 -23.16 -4.86
N GLY A 82 -7.04 -24.39 -5.28
CA GLY A 82 -7.81 -25.35 -4.49
C GLY A 82 -9.26 -24.97 -4.30
N LYS A 83 -9.87 -25.50 -3.24
CA LYS A 83 -11.27 -25.26 -2.92
C LYS A 83 -11.44 -23.87 -2.27
N VAL A 84 -11.81 -22.91 -3.09
CA VAL A 84 -11.97 -21.51 -2.69
C VAL A 84 -13.44 -21.19 -2.53
N VAL A 85 -14.32 -22.10 -2.95
CA VAL A 85 -15.77 -21.93 -2.81
C VAL A 85 -16.33 -23.04 -1.93
N THR A 86 -17.16 -22.68 -0.94
CA THR A 86 -17.86 -23.62 -0.06
C THR A 86 -19.30 -23.13 0.10
N LYS A 87 -20.19 -23.99 0.65
CA LYS A 87 -21.58 -23.63 0.94
C LYS A 87 -21.62 -22.40 1.87
N GLU A 88 -20.77 -22.41 2.90
CA GLU A 88 -20.59 -21.37 3.90
C GLU A 88 -20.29 -20.02 3.24
N LYS A 89 -19.21 -19.95 2.40
CA LYS A 89 -18.84 -18.73 1.68
C LYS A 89 -19.95 -18.23 0.74
N ILE A 90 -20.65 -19.14 0.01
CA ILE A 90 -21.78 -18.78 -0.87
C ILE A 90 -22.88 -18.07 -0.08
N GLN A 91 -23.34 -18.67 1.05
CA GLN A 91 -24.35 -18.05 1.91
C GLN A 91 -23.85 -16.75 2.56
N GLU A 92 -22.56 -16.73 2.99
CA GLU A 92 -21.97 -15.52 3.57
C GLU A 92 -22.02 -14.37 2.55
N ALA A 93 -21.60 -14.64 1.30
CA ALA A 93 -21.61 -13.61 0.25
C ALA A 93 -23.01 -13.18 -0.13
N LYS A 94 -23.95 -14.13 -0.18
CA LYS A 94 -25.37 -13.92 -0.45
C LYS A 94 -25.97 -12.91 0.54
N ASP A 95 -25.71 -13.13 1.86
CA ASP A 95 -26.19 -12.27 2.96
C ASP A 95 -25.60 -10.86 2.91
N VAL A 96 -24.25 -10.73 2.66
CA VAL A 96 -23.55 -9.44 2.57
C VAL A 96 -24.07 -8.64 1.40
N TYR A 97 -24.16 -9.27 0.23
CA TYR A 97 -24.62 -8.56 -0.97
C TYR A 97 -26.04 -8.03 -0.94
N LYS A 98 -26.95 -8.76 -0.28
CA LYS A 98 -28.36 -8.43 -0.07
C LYS A 98 -28.52 -7.04 0.61
N GLU A 99 -27.77 -6.82 1.70
CA GLU A 99 -27.75 -5.58 2.49
C GLU A 99 -26.96 -4.50 1.76
N HIS A 100 -25.74 -4.83 1.31
CA HIS A 100 -24.81 -3.97 0.57
C HIS A 100 -25.47 -3.34 -0.67
N PHE A 101 -26.22 -4.15 -1.47
CA PHE A 101 -26.92 -3.66 -2.68
C PHE A 101 -28.37 -3.26 -2.45
N GLN A 102 -28.93 -3.66 -1.28
CA GLN A 102 -30.32 -3.43 -0.90
C GLN A 102 -31.21 -4.11 -1.98
N ASP A 103 -30.68 -5.21 -2.57
CA ASP A 103 -31.32 -6.02 -3.62
C ASP A 103 -30.63 -7.36 -3.83
N ASP A 104 -31.38 -8.38 -4.26
CA ASP A 104 -30.83 -9.69 -4.58
C ASP A 104 -30.28 -9.60 -6.00
N VAL A 105 -28.95 -9.48 -6.11
CA VAL A 105 -28.23 -9.29 -7.37
C VAL A 105 -26.93 -10.14 -7.39
N PHE A 106 -26.91 -11.21 -6.56
CA PHE A 106 -25.78 -12.13 -6.46
C PHE A 106 -26.06 -13.50 -7.10
N ASN A 107 -25.09 -13.97 -7.89
CA ASN A 107 -25.14 -15.24 -8.61
C ASN A 107 -24.93 -16.44 -7.72
N GLU A 108 -25.95 -16.82 -6.94
CA GLU A 108 -25.87 -18.04 -6.13
C GLU A 108 -25.87 -19.23 -7.08
N LYS A 109 -26.73 -19.21 -8.16
CA LYS A 109 -26.77 -20.26 -9.17
C LYS A 109 -25.37 -20.53 -9.75
N GLY A 110 -24.74 -19.49 -10.31
CA GLY A 110 -23.42 -19.60 -10.90
C GLY A 110 -22.32 -20.05 -9.96
N TRP A 111 -22.34 -19.55 -8.71
CA TRP A 111 -21.32 -19.93 -7.73
C TRP A 111 -21.56 -21.36 -7.23
N ASN A 112 -22.86 -21.76 -7.06
CA ASN A 112 -23.21 -23.11 -6.62
C ASN A 112 -22.82 -24.14 -7.65
N TYR A 113 -22.80 -23.74 -8.94
CA TYR A 113 -22.40 -24.55 -10.08
C TYR A 113 -20.91 -24.88 -9.99
N ILE A 114 -20.06 -23.89 -9.57
CA ILE A 114 -18.61 -24.11 -9.43
C ILE A 114 -18.36 -25.10 -8.30
N LEU A 115 -19.13 -24.97 -7.22
CA LEU A 115 -19.06 -25.87 -6.07
C LEU A 115 -19.46 -27.29 -6.46
N GLU A 116 -20.60 -27.43 -7.14
CA GLU A 116 -21.10 -28.75 -7.53
C GLU A 116 -20.30 -29.44 -8.65
N LYS A 117 -19.99 -28.75 -9.73
CA LYS A 117 -19.25 -29.37 -10.84
C LYS A 117 -17.73 -29.48 -10.67
N TYR A 118 -17.10 -28.51 -9.98
CA TYR A 118 -15.64 -28.45 -9.80
C TYR A 118 -15.12 -28.56 -8.36
N ASP A 119 -16.00 -28.83 -7.36
CA ASP A 119 -15.61 -28.92 -5.93
C ASP A 119 -14.97 -27.57 -5.50
N GLY A 120 -15.66 -26.47 -5.83
CA GLY A 120 -15.26 -25.10 -5.55
C GLY A 120 -13.98 -24.59 -6.20
N HIS A 121 -13.39 -25.34 -7.16
CA HIS A 121 -12.18 -24.94 -7.88
C HIS A 121 -12.54 -23.98 -9.00
N LEU A 122 -11.77 -22.89 -9.18
CA LEU A 122 -12.11 -21.90 -10.20
C LEU A 122 -11.90 -22.37 -11.64
N PRO A 123 -12.98 -22.50 -12.45
CA PRO A 123 -12.78 -22.86 -13.85
C PRO A 123 -12.33 -21.65 -14.65
N ILE A 124 -11.03 -21.36 -14.52
CA ILE A 124 -10.35 -20.23 -15.13
C ILE A 124 -9.02 -20.70 -15.60
N GLU A 125 -8.49 -20.04 -16.63
CA GLU A 125 -7.14 -20.34 -17.08
C GLU A 125 -6.32 -19.07 -17.17
N ILE A 126 -5.17 -19.10 -16.49
CA ILE A 126 -4.19 -18.02 -16.51
C ILE A 126 -2.89 -18.52 -17.15
N LYS A 127 -2.40 -17.74 -18.13
CA LYS A 127 -1.16 -17.96 -18.87
C LYS A 127 -0.34 -16.70 -18.62
N ALA A 128 0.97 -16.85 -18.37
CA ALA A 128 1.85 -15.73 -18.05
C ALA A 128 3.33 -15.97 -18.43
N VAL A 129 4.08 -14.86 -18.64
CA VAL A 129 5.50 -14.86 -18.94
C VAL A 129 6.24 -15.35 -17.67
N PRO A 130 7.33 -16.18 -17.77
CA PRO A 130 8.00 -16.65 -16.53
C PRO A 130 8.41 -15.52 -15.57
N GLU A 131 8.13 -15.72 -14.27
CA GLU A 131 8.49 -14.71 -13.25
C GLU A 131 9.97 -14.33 -13.22
N GLY A 132 10.21 -13.03 -13.09
CA GLY A 132 11.54 -12.47 -13.11
C GLY A 132 11.96 -12.03 -14.50
N PHE A 133 11.14 -12.26 -15.52
CA PHE A 133 11.47 -11.83 -16.87
C PHE A 133 11.46 -10.30 -17.01
N VAL A 134 12.43 -9.78 -17.80
CA VAL A 134 12.57 -8.34 -18.07
C VAL A 134 11.96 -8.08 -19.45
N ILE A 135 10.80 -7.38 -19.43
CA ILE A 135 9.90 -7.16 -20.55
C ILE A 135 9.67 -5.70 -20.81
N PRO A 136 9.92 -5.23 -22.05
CA PRO A 136 9.63 -3.81 -22.37
C PRO A 136 8.13 -3.48 -22.27
N ARG A 137 7.82 -2.24 -21.97
CA ARG A 137 6.45 -1.74 -21.85
C ARG A 137 5.60 -2.00 -23.11
N GLY A 138 4.28 -2.16 -22.91
CA GLY A 138 3.32 -2.37 -23.97
C GLY A 138 3.24 -3.80 -24.47
N ASN A 139 3.71 -4.76 -23.67
CA ASN A 139 3.67 -6.19 -24.01
C ASN A 139 2.78 -6.93 -23.06
N VAL A 140 2.14 -8.00 -23.53
CA VAL A 140 1.27 -8.81 -22.66
C VAL A 140 2.11 -9.45 -21.57
N LEU A 141 1.60 -9.43 -20.33
CA LEU A 141 2.35 -10.06 -19.24
C LEU A 141 1.66 -11.35 -18.80
N PHE A 142 0.35 -11.34 -18.79
CA PHE A 142 -0.52 -12.46 -18.42
C PHE A 142 -1.89 -12.28 -19.01
N THR A 143 -2.57 -13.39 -19.26
CA THR A 143 -3.93 -13.42 -19.79
C THR A 143 -4.83 -14.25 -18.87
N VAL A 144 -6.11 -13.91 -18.79
CA VAL A 144 -7.13 -14.66 -18.00
C VAL A 144 -8.28 -15.00 -18.97
N GLU A 145 -8.92 -16.14 -18.77
CA GLU A 145 -10.13 -16.59 -19.45
C GLU A 145 -10.75 -17.70 -18.63
N ASN A 146 -12.05 -17.83 -18.76
CA ASN A 146 -12.79 -18.92 -18.15
C ASN A 146 -12.61 -20.13 -19.05
N THR A 147 -12.71 -21.32 -18.47
CA THR A 147 -12.53 -22.59 -19.15
C THR A 147 -13.87 -23.27 -19.44
N ASP A 148 -14.89 -23.03 -18.59
CA ASP A 148 -16.24 -23.55 -18.74
C ASP A 148 -17.08 -22.42 -19.36
N PRO A 149 -17.87 -22.70 -20.45
CA PRO A 149 -18.70 -21.65 -21.05
C PRO A 149 -19.68 -20.96 -20.10
N GLU A 150 -20.15 -21.69 -19.08
CA GLU A 150 -21.10 -21.23 -18.07
C GLU A 150 -20.46 -20.18 -17.11
N CYS A 151 -19.12 -20.17 -17.03
CA CYS A 151 -18.39 -19.28 -16.13
C CYS A 151 -17.73 -18.10 -16.85
N TYR A 152 -18.42 -17.52 -17.85
CA TYR A 152 -18.02 -16.34 -18.64
C TYR A 152 -17.83 -15.10 -17.70
N TRP A 153 -18.64 -14.99 -16.62
CA TRP A 153 -18.64 -13.88 -15.64
C TRP A 153 -17.41 -13.91 -14.73
N LEU A 154 -16.78 -15.08 -14.57
CA LEU A 154 -15.63 -15.32 -13.69
C LEU A 154 -14.36 -14.56 -14.06
N THR A 155 -14.13 -14.31 -15.37
CA THR A 155 -12.94 -13.57 -15.83
C THR A 155 -12.84 -12.18 -15.22
N ASN A 156 -13.91 -11.41 -15.25
CA ASN A 156 -13.89 -10.05 -14.68
C ASN A 156 -13.98 -10.05 -13.17
N TRP A 157 -14.62 -11.07 -12.57
CA TRP A 157 -14.70 -11.21 -11.12
C TRP A 157 -13.28 -11.23 -10.47
N ILE A 158 -12.35 -12.03 -11.03
CA ILE A 158 -10.99 -12.14 -10.53
C ILE A 158 -10.03 -11.03 -11.02
N GLU A 159 -10.51 -10.05 -11.79
CA GLU A 159 -9.69 -8.94 -12.30
C GLU A 159 -9.04 -8.19 -11.14
N THR A 160 -9.84 -7.88 -10.12
CA THR A 160 -9.45 -7.06 -8.99
C THR A 160 -8.25 -7.60 -8.26
N ILE A 161 -8.27 -8.91 -7.99
CA ILE A 161 -7.22 -9.62 -7.29
C ILE A 161 -5.98 -9.72 -8.14
N LEU A 162 -6.15 -9.93 -9.45
CA LEU A 162 -4.98 -10.07 -10.32
C LEU A 162 -4.29 -8.77 -10.63
N VAL A 163 -5.04 -7.68 -10.85
CA VAL A 163 -4.47 -6.33 -11.11
C VAL A 163 -3.47 -5.91 -9.99
N GLN A 164 -3.72 -6.41 -8.76
CA GLN A 164 -2.89 -6.13 -7.59
C GLN A 164 -1.43 -6.57 -7.72
N SER A 165 -1.12 -7.40 -8.74
CA SER A 165 0.26 -7.77 -9.03
C SER A 165 1.03 -6.54 -9.59
N TRP A 166 0.34 -5.39 -9.85
CA TRP A 166 0.95 -4.12 -10.25
C TRP A 166 2.00 -3.72 -9.20
N TYR A 167 1.70 -4.02 -7.93
CA TYR A 167 2.59 -3.65 -6.80
C TYR A 167 3.92 -4.43 -6.77
N PRO A 168 3.97 -5.80 -6.68
CA PRO A 168 5.28 -6.49 -6.74
C PRO A 168 5.98 -6.24 -8.09
N ILE A 169 5.22 -5.97 -9.15
CA ILE A 169 5.83 -5.67 -10.45
C ILE A 169 6.53 -4.33 -10.39
N THR A 170 5.85 -3.31 -9.87
CA THR A 170 6.38 -1.95 -9.73
C THR A 170 7.52 -1.94 -8.72
N VAL A 171 7.37 -2.65 -7.62
CA VAL A 171 8.45 -2.69 -6.65
C VAL A 171 9.70 -3.32 -7.27
N ALA A 172 9.55 -4.45 -7.97
CA ALA A 172 10.68 -5.14 -8.58
C ALA A 172 11.39 -4.33 -9.68
N THR A 173 10.63 -3.60 -10.49
CA THR A 173 11.12 -2.79 -11.61
C THR A 173 11.99 -1.61 -11.13
N ASN A 174 11.46 -0.83 -10.17
CA ASN A 174 12.11 0.34 -9.57
C ASN A 174 13.39 -0.09 -8.81
N SER A 175 13.30 -1.17 -8.04
CA SER A 175 14.42 -1.79 -7.34
C SER A 175 15.53 -2.23 -8.37
N ARG A 176 15.13 -2.82 -9.54
CA ARG A 176 16.08 -3.23 -10.59
C ARG A 176 16.77 -2.02 -11.25
N GLU A 177 15.98 -0.96 -11.47
CA GLU A 177 16.41 0.32 -12.06
C GLU A 177 17.42 0.97 -11.14
N GLN A 178 17.21 0.87 -9.82
CA GLN A 178 18.20 1.42 -8.87
C GLN A 178 19.49 0.58 -8.87
N LYS A 179 19.36 -0.74 -9.07
CA LYS A 179 20.48 -1.66 -9.20
C LYS A 179 21.31 -1.32 -10.44
N LYS A 180 20.66 -0.84 -11.51
CA LYS A 180 21.38 -0.46 -12.73
C LYS A 180 22.28 0.75 -12.41
N ILE A 181 21.74 1.80 -11.74
CA ILE A 181 22.52 2.98 -11.34
C ILE A 181 23.78 2.53 -10.56
N LEU A 182 23.55 1.72 -9.50
CA LEU A 182 24.59 1.20 -8.64
C LEU A 182 25.63 0.39 -9.37
N ALA A 183 25.20 -0.49 -10.28
CA ALA A 183 26.10 -1.32 -11.08
C ALA A 183 27.01 -0.46 -11.98
N LYS A 184 26.42 0.45 -12.77
CA LYS A 184 27.13 1.38 -13.66
C LYS A 184 28.18 2.19 -12.89
N TYR A 185 27.80 2.77 -11.73
CA TYR A 185 28.71 3.58 -10.91
C TYR A 185 29.75 2.83 -10.10
N LEU A 186 29.46 1.59 -9.74
CA LEU A 186 30.44 0.75 -9.03
C LEU A 186 31.48 0.26 -10.05
N LEU A 187 31.06 0.01 -11.30
CA LEU A 187 31.96 -0.43 -12.36
C LEU A 187 32.82 0.77 -12.83
N GLU A 188 32.23 1.99 -12.95
CA GLU A 188 32.93 3.22 -13.34
C GLU A 188 33.93 3.71 -12.30
N THR A 189 33.64 3.48 -11.01
CA THR A 189 34.53 3.97 -9.94
C THR A 189 35.47 2.92 -9.33
N SER A 190 35.34 1.64 -9.72
CA SER A 190 36.14 0.60 -9.08
C SER A 190 36.57 -0.53 -10.01
N GLY A 191 35.75 -0.80 -11.03
CA GLY A 191 35.98 -1.87 -11.98
C GLY A 191 35.44 -3.22 -11.53
N ASN A 192 34.68 -3.24 -10.41
CA ASN A 192 34.10 -4.46 -9.82
C ASN A 192 32.65 -4.25 -9.38
N LEU A 193 31.92 -5.36 -9.14
CA LEU A 193 30.53 -5.32 -8.69
C LEU A 193 30.37 -5.88 -7.26
N ASP A 194 31.41 -5.64 -6.42
CA ASP A 194 31.52 -6.10 -5.02
C ASP A 194 30.45 -5.52 -4.14
N GLY A 195 29.68 -6.41 -3.50
CA GLY A 195 28.60 -6.09 -2.59
C GLY A 195 27.45 -5.31 -3.21
N LEU A 196 27.28 -5.40 -4.54
CA LEU A 196 26.20 -4.74 -5.28
C LEU A 196 24.83 -5.12 -4.67
N GLU A 197 24.58 -6.43 -4.49
CA GLU A 197 23.40 -7.02 -3.87
C GLU A 197 23.06 -6.53 -2.47
N TYR A 198 24.02 -5.87 -1.78
CA TYR A 198 23.89 -5.32 -0.44
C TYR A 198 23.96 -3.78 -0.44
N LYS A 199 24.00 -3.14 -1.63
CA LYS A 199 24.11 -1.69 -1.71
C LYS A 199 22.82 -0.89 -1.60
N LEU A 200 21.68 -1.59 -1.64
CA LEU A 200 20.37 -1.01 -1.45
C LEU A 200 19.58 -1.86 -0.43
N HIS A 201 19.56 -1.40 0.82
CA HIS A 201 18.85 -2.07 1.91
C HIS A 201 17.41 -1.59 2.03
N ASP A 202 16.51 -2.53 2.22
CA ASP A 202 15.09 -2.21 2.40
C ASP A 202 14.83 -1.87 3.88
N PHE A 203 14.31 -0.66 4.13
CA PHE A 203 13.95 -0.08 5.44
C PHE A 203 12.45 0.29 5.48
N GLY A 204 11.74 0.02 4.37
CA GLY A 204 10.34 0.30 4.14
C GLY A 204 9.24 -0.19 5.08
N TYR A 205 9.45 -1.26 5.89
CA TYR A 205 8.44 -1.86 6.79
C TYR A 205 7.45 -0.87 7.41
N ARG A 206 7.94 0.08 8.19
CA ARG A 206 7.10 1.05 8.87
C ARG A 206 6.40 2.08 7.96
N GLY A 207 6.98 2.34 6.78
CA GLY A 207 6.45 3.29 5.81
C GLY A 207 5.32 2.79 4.92
N VAL A 208 5.05 1.48 4.88
CA VAL A 208 3.98 0.89 4.07
C VAL A 208 2.62 0.83 4.80
N SER A 209 1.54 0.61 4.02
CA SER A 209 0.14 0.57 4.40
C SER A 209 -0.31 -0.67 5.23
N SER A 210 0.43 -1.79 5.16
CA SER A 210 0.06 -3.01 5.89
C SER A 210 1.21 -4.02 5.98
N GLN A 211 0.99 -5.08 6.79
CA GLN A 211 1.91 -6.20 7.00
C GLN A 211 2.02 -7.04 5.72
N GLU A 212 0.89 -7.18 5.00
CA GLU A 212 0.84 -7.93 3.77
C GLU A 212 1.58 -7.14 2.66
N THR A 213 1.31 -5.82 2.55
CA THR A 213 2.00 -4.96 1.60
C THR A 213 3.52 -5.03 1.82
N ALA A 214 3.97 -5.06 3.10
CA ALA A 214 5.37 -5.12 3.53
C ALA A 214 6.05 -6.36 3.02
N GLY A 215 5.43 -7.51 3.31
CA GLY A 215 5.90 -8.81 2.84
C GLY A 215 6.03 -8.89 1.34
N ILE A 216 4.99 -8.45 0.62
CA ILE A 216 5.00 -8.52 -0.84
C ILE A 216 6.09 -7.62 -1.43
N GLY A 217 6.12 -6.36 -0.98
CA GLY A 217 7.10 -5.38 -1.41
C GLY A 217 8.51 -5.82 -1.09
N ALA A 218 8.73 -6.36 0.14
CA ALA A 218 10.06 -6.84 0.54
C ALA A 218 10.48 -8.01 -0.36
N SER A 219 9.60 -9.02 -0.55
CA SER A 219 9.91 -10.12 -1.48
C SER A 219 10.28 -9.58 -2.88
N ALA A 220 9.61 -8.55 -3.35
CA ALA A 220 9.88 -7.90 -4.64
C ALA A 220 11.22 -7.16 -4.72
N HIS A 221 11.72 -6.61 -3.61
CA HIS A 221 13.02 -5.95 -3.52
C HIS A 221 14.11 -6.99 -3.62
N LEU A 222 13.87 -8.16 -2.96
CA LEU A 222 14.79 -9.31 -2.87
C LEU A 222 15.03 -10.06 -4.18
N VAL A 223 14.25 -9.75 -5.18
CA VAL A 223 14.36 -10.31 -6.50
C VAL A 223 15.72 -9.82 -7.08
N ASN A 224 16.09 -8.57 -6.77
CA ASN A 224 17.28 -7.87 -7.24
C ASN A 224 18.39 -7.76 -6.18
N PHE A 225 18.02 -7.69 -4.86
CA PHE A 225 18.96 -7.52 -3.74
C PHE A 225 18.84 -8.55 -2.64
N LYS A 226 19.83 -8.57 -1.74
CA LYS A 226 19.94 -9.53 -0.63
C LYS A 226 19.85 -8.89 0.77
N GLY A 227 19.64 -7.57 0.84
CA GLY A 227 19.51 -6.87 2.10
C GLY A 227 18.12 -6.30 2.38
N THR A 228 17.48 -6.81 3.42
CA THR A 228 16.19 -6.30 3.90
C THR A 228 16.18 -6.20 5.45
N ASP A 229 15.20 -5.48 5.98
CA ASP A 229 14.87 -5.31 7.40
C ASP A 229 13.39 -5.62 7.52
N THR A 230 12.75 -5.85 6.37
CA THR A 230 11.34 -6.16 6.32
C THR A 230 11.29 -7.68 6.40
N VAL A 231 11.36 -8.20 7.65
CA VAL A 231 11.45 -9.63 7.93
C VAL A 231 10.34 -10.39 7.19
N ALA A 232 9.14 -9.80 7.10
CA ALA A 232 7.96 -10.29 6.41
C ALA A 232 8.20 -10.88 5.01
N GLY A 233 9.16 -10.31 4.24
CA GLY A 233 9.56 -10.79 2.92
C GLY A 233 10.18 -12.18 2.92
N LEU A 234 10.94 -12.54 4.00
CA LEU A 234 11.57 -13.85 4.15
C LEU A 234 10.56 -14.99 4.20
N ALA A 235 9.49 -14.87 5.04
CA ALA A 235 8.47 -15.91 5.20
C ALA A 235 7.63 -16.02 3.94
N LEU A 236 7.41 -14.89 3.26
CA LEU A 236 6.68 -14.91 2.00
C LEU A 236 7.47 -15.74 0.94
N ILE A 237 8.79 -15.48 0.77
CA ILE A 237 9.57 -16.22 -0.24
C ILE A 237 9.58 -17.73 0.04
N LYS A 238 9.91 -18.11 1.28
CA LYS A 238 9.95 -19.49 1.78
C LYS A 238 8.64 -20.26 1.54
N LYS A 239 7.50 -19.59 1.70
CA LYS A 239 6.20 -20.21 1.57
C LYS A 239 5.70 -20.36 0.11
N TYR A 240 5.88 -19.32 -0.70
CA TYR A 240 5.33 -19.26 -2.04
C TYR A 240 6.29 -19.43 -3.18
N TYR A 241 7.62 -19.35 -2.93
CA TYR A 241 8.63 -19.46 -4.01
C TYR A 241 9.78 -20.45 -3.73
N GLY A 242 10.48 -20.25 -2.61
CA GLY A 242 11.61 -21.10 -2.21
C GLY A 242 12.94 -20.67 -2.79
N THR A 243 14.01 -20.89 -2.01
CA THR A 243 15.41 -20.61 -2.36
C THR A 243 16.23 -21.80 -1.88
N LYS A 244 17.33 -22.13 -2.59
CA LYS A 244 18.27 -23.18 -2.20
C LYS A 244 19.03 -22.72 -0.93
N ASP A 245 19.34 -21.39 -0.83
CA ASP A 245 20.02 -20.72 0.29
C ASP A 245 19.18 -20.78 1.57
N PRO A 246 19.74 -20.63 2.81
CA PRO A 246 18.88 -20.74 4.02
C PRO A 246 17.89 -19.58 4.18
N VAL A 247 18.27 -18.35 3.74
CA VAL A 247 17.36 -17.19 3.70
C VAL A 247 17.53 -16.37 2.40
N PRO A 248 16.44 -15.72 1.89
CA PRO A 248 16.59 -14.87 0.68
C PRO A 248 17.17 -13.47 0.96
N GLY A 249 17.08 -13.00 2.20
CA GLY A 249 17.52 -11.68 2.61
C GLY A 249 18.27 -11.70 3.93
N TYR A 250 19.20 -10.75 4.07
CA TYR A 250 20.09 -10.60 5.20
C TYR A 250 20.06 -9.20 5.76
N SER A 251 20.55 -9.05 7.00
CA SER A 251 20.65 -7.76 7.68
C SER A 251 21.76 -7.80 8.66
N VAL A 252 22.07 -6.64 9.23
CA VAL A 252 23.16 -6.48 10.19
C VAL A 252 22.62 -5.78 11.43
N PRO A 253 23.23 -6.01 12.61
CA PRO A 253 22.78 -5.27 13.82
C PRO A 253 22.99 -3.74 13.63
N ALA A 254 22.10 -2.95 14.18
CA ALA A 254 22.20 -1.50 14.01
C ALA A 254 21.77 -0.73 15.23
N ALA A 255 22.38 0.46 15.45
CA ALA A 255 22.16 1.33 16.59
C ALA A 255 21.62 2.68 16.18
N GLU A 256 20.43 3.01 16.72
CA GLU A 256 19.72 4.25 16.43
C GLU A 256 19.79 5.31 17.53
N HIS A 257 19.26 6.52 17.24
CA HIS A 257 19.22 7.67 18.16
C HIS A 257 18.61 7.26 19.48
N SER A 258 17.50 6.51 19.46
CA SER A 258 16.77 6.02 20.63
C SER A 258 17.63 5.25 21.60
N THR A 259 18.52 4.34 21.08
CA THR A 259 19.39 3.56 21.95
C THR A 259 20.65 4.30 22.39
N ILE A 260 21.27 5.10 21.48
CA ILE A 260 22.46 5.90 21.80
C ILE A 260 22.14 6.90 22.94
N THR A 261 21.15 7.77 22.74
CA THR A 261 20.72 8.82 23.69
C THR A 261 20.31 8.38 25.10
N ALA A 262 19.87 7.12 25.27
CA ALA A 262 19.51 6.58 26.59
C ALA A 262 20.77 6.40 27.48
N TRP A 263 21.99 6.51 26.89
CA TRP A 263 23.27 6.40 27.57
C TRP A 263 23.69 7.75 28.16
N GLY A 264 23.31 8.85 27.49
CA GLY A 264 23.68 10.20 27.88
C GLY A 264 24.92 10.66 27.15
N LYS A 265 25.01 11.99 26.87
CA LYS A 265 26.12 12.67 26.19
C LYS A 265 27.50 12.22 26.64
N ASP A 266 27.74 12.23 27.96
CA ASP A 266 29.02 11.85 28.57
C ASP A 266 29.33 10.35 28.51
N HIS A 267 28.37 9.53 28.01
CA HIS A 267 28.53 8.08 27.89
C HIS A 267 28.41 7.58 26.44
N GLU A 268 28.55 8.50 25.45
CA GLU A 268 28.51 8.19 24.03
C GLU A 268 29.62 7.23 23.59
N LYS A 269 30.82 7.37 24.18
CA LYS A 269 31.98 6.50 23.93
C LYS A 269 31.65 5.11 24.50
N ASP A 270 31.08 5.10 25.73
CA ASP A 270 30.65 3.89 26.44
C ASP A 270 29.55 3.17 25.62
N ALA A 271 28.63 3.93 24.98
CA ALA A 271 27.55 3.43 24.11
C ALA A 271 28.15 2.75 22.90
N PHE A 272 29.01 3.49 22.16
CA PHE A 272 29.71 3.05 20.94
C PHE A 272 30.55 1.81 21.18
N GLU A 273 31.30 1.79 22.31
CA GLU A 273 32.17 0.68 22.70
C GLU A 273 31.35 -0.58 23.02
N HIS A 274 30.23 -0.40 23.75
CA HIS A 274 29.35 -1.48 24.14
C HIS A 274 28.81 -2.14 22.87
N ILE A 275 28.23 -1.33 21.97
CA ILE A 275 27.69 -1.80 20.69
C ILE A 275 28.72 -2.53 19.80
N VAL A 276 29.91 -1.92 19.55
CA VAL A 276 30.95 -2.55 18.71
C VAL A 276 31.56 -3.82 19.27
N THR A 277 31.58 -3.95 20.61
CA THR A 277 32.15 -5.14 21.25
C THR A 277 31.16 -6.28 21.29
N GLN A 278 29.84 -5.95 21.31
CA GLN A 278 28.76 -6.94 21.29
C GLN A 278 28.68 -7.53 19.86
N PHE A 279 28.94 -6.71 18.82
CA PHE A 279 28.88 -7.13 17.42
C PHE A 279 30.26 -7.04 16.78
N SER A 280 31.16 -7.95 17.22
CA SER A 280 32.55 -8.05 16.79
C SER A 280 32.75 -8.80 15.50
N SER A 281 32.04 -9.93 15.32
CA SER A 281 32.18 -10.81 14.13
C SER A 281 31.26 -10.51 12.94
N VAL A 282 30.33 -9.56 13.07
CA VAL A 282 29.41 -9.18 11.99
C VAL A 282 29.43 -7.64 11.74
N PRO A 283 29.08 -7.11 10.55
CA PRO A 283 29.04 -5.64 10.40
C PRO A 283 28.03 -4.97 11.36
N VAL A 284 28.31 -3.72 11.78
CA VAL A 284 27.43 -2.99 12.68
C VAL A 284 27.24 -1.56 12.21
N SER A 285 25.96 -1.15 12.09
CA SER A 285 25.57 0.19 11.69
C SER A 285 25.33 1.03 12.95
N VAL A 286 26.07 2.15 13.06
CA VAL A 286 25.98 3.04 14.22
C VAL A 286 25.84 4.48 13.77
N VAL A 287 24.77 5.12 14.26
CA VAL A 287 24.40 6.53 14.13
C VAL A 287 25.58 7.37 14.69
N SER A 288 25.90 8.51 14.04
CA SER A 288 27.00 9.38 14.47
C SER A 288 26.52 10.75 14.97
N ASP A 289 25.31 11.16 14.55
CA ASP A 289 24.68 12.46 14.81
C ASP A 289 23.81 12.66 16.08
N SER A 290 23.82 11.70 17.03
CA SER A 290 23.05 11.79 18.27
C SER A 290 23.43 13.03 19.10
N TYR A 291 24.75 13.33 19.21
CA TYR A 291 25.28 14.47 19.96
C TYR A 291 26.12 15.42 19.11
N ASP A 292 27.24 14.93 18.52
CA ASP A 292 28.15 15.68 17.66
C ASP A 292 28.84 14.70 16.71
N ILE A 293 28.50 14.78 15.40
CA ILE A 293 29.04 13.93 14.32
C ILE A 293 30.56 14.01 14.18
N TYR A 294 31.10 15.25 14.17
CA TYR A 294 32.55 15.49 14.02
C TYR A 294 33.32 14.88 15.18
N ASN A 295 32.78 15.00 16.41
CA ASN A 295 33.38 14.43 17.62
C ASN A 295 33.29 12.90 17.61
N ALA A 296 32.13 12.36 17.16
CA ALA A 296 31.89 10.91 17.08
C ALA A 296 32.89 10.27 16.11
N CYS A 297 33.09 10.91 14.94
CA CYS A 297 34.02 10.45 13.93
C CYS A 297 35.47 10.71 14.30
N GLU A 298 35.90 11.99 14.31
CA GLU A 298 37.27 12.44 14.59
C GLU A 298 37.83 12.05 15.96
N LYS A 299 37.06 12.25 17.05
CA LYS A 299 37.55 11.90 18.38
C LYS A 299 37.21 10.48 18.84
N ILE A 300 35.91 10.13 18.96
CA ILE A 300 35.54 8.79 19.45
C ILE A 300 36.02 7.64 18.54
N TRP A 301 35.46 7.55 17.31
CA TRP A 301 35.85 6.51 16.37
C TRP A 301 37.33 6.67 15.93
N GLY A 302 37.70 7.90 15.57
CA GLY A 302 39.04 8.27 15.10
C GLY A 302 40.16 8.36 16.11
N GLU A 303 39.88 8.33 17.43
CA GLU A 303 40.94 8.38 18.46
C GLU A 303 40.73 7.36 19.59
N ASP A 304 39.77 7.63 20.50
CA ASP A 304 39.46 6.83 21.70
C ASP A 304 39.21 5.35 21.45
N LEU A 305 38.33 5.04 20.45
CA LEU A 305 37.89 3.70 20.11
C LEU A 305 38.52 3.13 18.82
N ARG A 306 39.50 3.85 18.26
CA ARG A 306 40.21 3.53 17.03
C ARG A 306 40.81 2.12 17.01
N HIS A 307 41.31 1.66 18.16
CA HIS A 307 41.90 0.31 18.33
C HIS A 307 40.89 -0.79 18.08
N LEU A 308 39.61 -0.52 18.42
CA LEU A 308 38.53 -1.47 18.26
C LEU A 308 38.02 -1.56 16.82
N ILE A 309 38.22 -0.50 16.01
CA ILE A 309 37.73 -0.37 14.64
C ILE A 309 38.76 -0.88 13.65
N VAL A 310 40.05 -0.53 13.88
CA VAL A 310 41.20 -0.92 13.06
C VAL A 310 41.40 -2.45 13.08
N SER A 311 41.00 -3.08 14.18
CA SER A 311 41.09 -4.51 14.40
C SER A 311 40.07 -5.32 13.58
N ARG A 312 38.97 -4.68 13.14
CA ARG A 312 37.84 -5.31 12.45
C ARG A 312 38.13 -5.98 11.12
N SER A 313 37.40 -7.08 10.88
CA SER A 313 37.44 -7.94 9.70
C SER A 313 36.77 -7.28 8.51
N THR A 314 37.24 -7.59 7.29
CA THR A 314 36.66 -7.09 6.02
C THR A 314 35.18 -7.50 5.88
N GLN A 315 34.83 -8.64 6.47
CA GLN A 315 33.49 -9.22 6.49
C GLN A 315 32.60 -8.62 7.60
N ALA A 316 33.23 -8.01 8.62
CA ALA A 316 32.53 -7.42 9.76
C ALA A 316 32.88 -5.92 9.94
N PRO A 317 32.66 -5.03 8.95
CA PRO A 317 33.09 -3.63 9.17
C PRO A 317 32.20 -2.77 10.08
N LEU A 318 32.74 -1.64 10.54
CA LEU A 318 31.91 -0.68 11.24
C LEU A 318 31.28 0.17 10.13
N ILE A 319 29.96 0.31 10.18
CA ILE A 319 29.22 1.10 9.20
C ILE A 319 28.73 2.33 9.93
N ILE A 320 29.01 3.50 9.35
CA ILE A 320 28.63 4.78 9.90
C ILE A 320 27.45 5.39 9.11
N ARG A 321 26.40 5.79 9.85
CA ARG A 321 25.24 6.51 9.35
C ARG A 321 25.58 8.03 9.46
N PRO A 322 25.47 8.85 8.36
CA PRO A 322 25.81 10.28 8.45
C PRO A 322 24.80 11.12 9.25
N ASP A 323 25.10 12.44 9.39
CA ASP A 323 24.21 13.39 10.08
C ASP A 323 23.02 13.70 9.19
N SER A 324 22.01 14.40 9.75
CA SER A 324 20.85 14.76 8.94
C SER A 324 21.16 15.98 8.10
N GLY A 325 20.66 15.98 6.89
CA GLY A 325 20.86 17.07 5.96
C GLY A 325 20.78 16.58 4.54
N ASN A 326 21.53 17.23 3.69
CA ASN A 326 21.57 16.90 2.28
C ASN A 326 22.23 15.54 2.11
N PRO A 327 21.52 14.54 1.53
CA PRO A 327 22.11 13.20 1.38
C PRO A 327 23.47 13.14 0.70
N LEU A 328 23.78 14.05 -0.23
CA LEU A 328 25.10 14.06 -0.86
C LEU A 328 26.13 14.76 0.05
N ASP A 329 25.77 15.95 0.56
CA ASP A 329 26.60 16.75 1.47
C ASP A 329 26.99 15.99 2.73
N THR A 330 26.03 15.28 3.39
CA THR A 330 26.30 14.50 4.61
C THR A 330 27.21 13.33 4.29
N VAL A 331 26.99 12.63 3.17
CA VAL A 331 27.89 11.54 2.76
C VAL A 331 29.30 12.12 2.54
N LEU A 332 29.42 13.20 1.73
CA LEU A 332 30.71 13.86 1.44
C LEU A 332 31.43 14.30 2.73
N LYS A 333 30.67 14.93 3.68
CA LYS A 333 31.13 15.36 5.00
C LYS A 333 31.78 14.20 5.79
N VAL A 334 31.05 13.06 5.97
CA VAL A 334 31.52 11.86 6.69
C VAL A 334 32.77 11.26 6.05
N LEU A 335 32.74 11.02 4.75
CA LEU A 335 33.86 10.44 4.02
C LEU A 335 35.16 11.21 4.26
N GLU A 336 35.10 12.56 4.14
CA GLU A 336 36.23 13.46 4.27
C GLU A 336 36.85 13.46 5.67
N ILE A 337 36.03 13.51 6.74
CA ILE A 337 36.53 13.49 8.12
C ILE A 337 37.13 12.14 8.53
N LEU A 338 36.54 11.03 8.05
CA LEU A 338 37.02 9.67 8.28
C LEU A 338 38.38 9.49 7.60
N GLY A 339 38.53 10.14 6.45
CA GLY A 339 39.75 10.15 5.66
C GLY A 339 40.89 10.91 6.29
N LYS A 340 40.58 11.76 7.28
CA LYS A 340 41.55 12.55 8.05
C LYS A 340 42.11 11.78 9.25
N LYS A 341 41.48 10.64 9.60
CA LYS A 341 41.81 9.80 10.76
C LYS A 341 42.09 8.36 10.37
N PHE A 342 41.68 7.94 9.17
CA PHE A 342 41.89 6.56 8.73
C PHE A 342 42.60 6.48 7.37
N PRO A 343 43.38 5.39 7.07
CA PRO A 343 44.10 5.34 5.77
C PRO A 343 43.25 5.16 4.50
N VAL A 344 43.10 6.24 3.72
CA VAL A 344 42.36 6.23 2.46
C VAL A 344 43.33 6.00 1.31
N THR A 345 42.96 5.09 0.39
CA THR A 345 43.75 4.68 -0.75
C THR A 345 43.02 4.92 -2.07
N GLU A 346 43.79 5.07 -3.16
CA GLU A 346 43.30 5.20 -4.54
C GLU A 346 43.21 3.79 -5.13
N ASN A 347 42.03 3.40 -5.62
CA ASN A 347 41.86 2.07 -6.24
C ASN A 347 42.41 2.08 -7.67
N SER A 348 42.33 0.90 -8.36
CA SER A 348 42.73 0.63 -9.74
C SER A 348 42.28 1.71 -10.76
N LYS A 349 41.12 2.36 -10.47
CA LYS A 349 40.48 3.40 -11.29
C LYS A 349 40.81 4.82 -10.78
N GLY A 350 41.54 4.94 -9.68
CA GLY A 350 41.95 6.22 -9.12
C GLY A 350 40.93 6.86 -8.20
N TYR A 351 40.03 6.05 -7.61
CA TYR A 351 39.03 6.62 -6.72
C TYR A 351 39.34 6.38 -5.27
N LYS A 352 39.07 7.39 -4.39
CA LYS A 352 39.32 7.33 -2.94
C LYS A 352 38.50 6.18 -2.30
N LEU A 353 39.20 5.32 -1.56
CA LEU A 353 38.61 4.16 -0.92
C LEU A 353 39.02 4.08 0.54
N LEU A 354 38.00 4.00 1.41
CA LEU A 354 38.17 3.86 2.85
C LEU A 354 38.83 2.51 3.21
N PRO A 355 39.39 2.35 4.43
CA PRO A 355 39.92 1.03 4.83
C PRO A 355 38.78 -0.02 4.86
N PRO A 356 39.09 -1.33 4.67
CA PRO A 356 38.01 -2.34 4.61
C PRO A 356 37.09 -2.51 5.83
N TYR A 357 37.54 -2.09 7.02
CA TYR A 357 36.80 -2.19 8.28
C TYR A 357 35.86 -1.03 8.49
N LEU A 358 35.73 -0.17 7.49
CA LEU A 358 34.94 1.04 7.62
C LEU A 358 34.11 1.30 6.39
N ARG A 359 32.77 1.49 6.55
CA ARG A 359 31.85 1.77 5.44
C ARG A 359 30.78 2.76 5.84
N VAL A 360 30.06 3.30 4.84
CA VAL A 360 29.02 4.32 5.06
C VAL A 360 27.65 3.87 4.51
N ILE A 361 26.55 4.23 5.22
CA ILE A 361 25.17 3.96 4.84
C ILE A 361 24.36 5.26 4.80
N GLN A 362 23.71 5.55 3.66
CA GLN A 362 22.82 6.69 3.53
C GLN A 362 21.43 6.12 3.49
N GLY A 363 20.65 6.34 4.57
CA GLY A 363 19.29 5.85 4.73
C GLY A 363 18.24 6.93 4.80
N ASP A 364 18.66 8.18 4.62
CA ASP A 364 17.77 9.33 4.66
C ASP A 364 17.58 9.87 3.24
N GLY A 365 16.31 10.05 2.87
CA GLY A 365 15.90 10.61 1.59
C GLY A 365 16.45 9.89 0.37
N VAL A 366 16.33 8.55 0.32
CA VAL A 366 16.78 7.81 -0.85
C VAL A 366 15.56 7.32 -1.64
N ASP A 367 15.58 7.63 -2.92
CA ASP A 367 14.65 7.21 -3.94
C ASP A 367 15.47 7.04 -5.23
N ILE A 368 14.82 6.71 -6.35
CA ILE A 368 15.50 6.48 -7.62
C ILE A 368 16.28 7.70 -8.10
N ASN A 369 15.77 8.92 -7.83
CA ASN A 369 16.40 10.19 -8.24
C ASN A 369 17.58 10.57 -7.37
N THR A 370 17.38 10.69 -6.06
CA THR A 370 18.46 11.04 -5.14
C THR A 370 19.64 10.06 -5.19
N LEU A 371 19.39 8.75 -5.47
CA LEU A 371 20.45 7.75 -5.62
C LEU A 371 21.43 8.16 -6.73
N GLN A 372 20.89 8.47 -7.92
CA GLN A 372 21.61 8.93 -9.11
C GLN A 372 22.48 10.17 -8.76
N GLU A 373 21.94 11.09 -7.95
CA GLU A 373 22.61 12.32 -7.51
C GLU A 373 23.79 12.04 -6.55
N ILE A 374 23.58 11.21 -5.50
CA ILE A 374 24.65 10.86 -4.54
C ILE A 374 25.84 10.18 -5.22
N VAL A 375 25.58 9.19 -6.10
CA VAL A 375 26.63 8.44 -6.82
C VAL A 375 27.33 9.29 -7.89
N GLU A 376 26.60 10.21 -8.56
CA GLU A 376 27.23 11.11 -9.53
C GLU A 376 28.13 12.07 -8.76
N GLY A 377 27.57 12.61 -7.67
CA GLY A 377 28.23 13.55 -6.77
C GLY A 377 29.49 13.03 -6.12
N MET A 378 29.52 11.71 -5.83
CA MET A 378 30.64 11.00 -5.23
C MET A 378 31.75 10.79 -6.23
N LYS A 379 31.39 10.37 -7.48
CA LYS A 379 32.30 10.16 -8.63
C LYS A 379 33.09 11.45 -8.89
N GLN A 380 32.36 12.57 -9.04
CA GLN A 380 32.86 13.92 -9.25
C GLN A 380 33.92 14.27 -8.22
N LYS A 381 33.74 13.77 -6.97
CA LYS A 381 34.65 13.98 -5.85
C LYS A 381 35.71 12.86 -5.67
N MET A 382 35.91 12.03 -6.70
CA MET A 382 36.87 10.91 -6.72
C MET A 382 36.71 9.88 -5.59
N TRP A 383 35.47 9.67 -5.11
CA TRP A 383 35.15 8.70 -4.07
C TRP A 383 34.50 7.48 -4.72
N SER A 384 35.05 6.30 -4.47
CA SER A 384 34.54 5.04 -5.01
C SER A 384 33.15 4.69 -4.42
N ILE A 385 32.33 3.98 -5.19
CA ILE A 385 31.00 3.55 -4.72
C ILE A 385 31.14 2.32 -3.80
N GLU A 386 32.35 1.74 -3.73
CA GLU A 386 32.68 0.59 -2.87
C GLU A 386 32.47 0.91 -1.40
N ASN A 387 32.57 2.22 -1.07
CA ASN A 387 32.48 2.81 0.24
C ASN A 387 31.07 2.89 0.78
N ILE A 388 30.11 3.08 -0.10
CA ILE A 388 28.74 3.37 0.29
C ILE A 388 27.69 2.29 0.01
N ALA A 389 26.68 2.25 0.90
CA ALA A 389 25.48 1.44 0.80
C ALA A 389 24.32 2.40 1.02
N PHE A 390 23.15 2.07 0.49
CA PHE A 390 21.94 2.90 0.60
C PHE A 390 20.78 2.21 1.31
N GLY A 391 19.86 3.02 1.85
CA GLY A 391 18.63 2.57 2.52
C GLY A 391 17.42 3.30 1.99
N SER A 392 16.30 2.59 1.81
CA SER A 392 15.08 3.18 1.25
C SER A 392 13.80 2.63 1.89
N GLY A 393 12.98 3.54 2.43
CA GLY A 393 11.72 3.17 3.09
C GLY A 393 10.50 3.30 2.20
N GLY A 394 9.83 4.45 2.33
CA GLY A 394 8.65 4.83 1.53
C GLY A 394 8.89 4.96 0.03
N GLY A 395 10.08 5.44 -0.36
CA GLY A 395 10.49 5.61 -1.76
C GLY A 395 10.84 4.33 -2.50
N LEU A 396 10.76 3.19 -1.80
CA LEU A 396 11.02 1.87 -2.36
C LEU A 396 9.76 1.01 -2.20
N LEU A 397 9.02 1.18 -1.11
CA LEU A 397 7.85 0.34 -0.96
C LEU A 397 6.47 1.05 -0.94
N GLN A 398 6.39 2.39 -0.71
CA GLN A 398 5.07 3.06 -0.58
C GLN A 398 4.70 4.15 -1.61
N LYS A 399 5.61 5.09 -1.89
CA LYS A 399 5.40 6.19 -2.83
C LYS A 399 5.52 5.62 -4.25
N LEU A 400 4.55 4.74 -4.62
CA LEU A 400 4.40 3.99 -5.86
C LEU A 400 2.91 3.72 -6.09
N THR A 401 2.46 3.78 -7.34
CA THR A 401 1.06 3.59 -7.75
C THR A 401 0.98 2.77 -9.03
N ARG A 402 -0.26 2.40 -9.42
CA ARG A 402 -0.57 1.66 -10.64
C ARG A 402 -0.21 2.50 -11.89
N ASP A 403 -0.16 3.84 -11.71
CA ASP A 403 0.15 4.89 -12.68
C ASP A 403 1.58 4.97 -13.15
N LEU A 404 2.52 4.39 -12.40
CA LEU A 404 3.95 4.48 -12.72
C LEU A 404 4.33 3.72 -13.97
N LEU A 405 3.88 2.49 -14.08
CA LEU A 405 4.16 1.65 -15.27
C LEU A 405 2.90 1.54 -16.13
N ASN A 406 1.85 2.33 -15.82
CA ASN A 406 0.56 2.29 -16.50
C ASN A 406 -0.05 0.88 -16.52
N CYS A 407 -0.08 0.23 -15.35
CA CYS A 407 -0.62 -1.13 -15.23
C CYS A 407 -2.07 -1.16 -15.56
N SER A 408 -2.37 -1.90 -16.60
CA SER A 408 -3.69 -1.99 -17.16
C SER A 408 -4.15 -3.41 -17.35
N PHE A 409 -5.44 -3.65 -17.10
CA PHE A 409 -6.08 -4.93 -17.31
C PHE A 409 -7.33 -4.69 -18.15
N LYS A 410 -7.36 -5.22 -19.39
CA LYS A 410 -8.50 -5.03 -20.28
C LYS A 410 -8.95 -6.31 -20.93
N CYS A 411 -10.25 -6.37 -21.28
CA CYS A 411 -10.81 -7.49 -22.02
C CYS A 411 -10.45 -7.26 -23.49
N SER A 412 -10.02 -8.29 -24.19
CA SER A 412 -9.60 -8.12 -25.57
C SER A 412 -10.36 -9.04 -26.54
N TYR A 413 -11.07 -10.04 -26.00
CA TYR A 413 -11.71 -11.06 -26.80
C TYR A 413 -12.87 -11.69 -26.05
N VAL A 414 -14.04 -11.73 -26.69
CA VAL A 414 -15.28 -12.26 -26.15
C VAL A 414 -15.90 -13.20 -27.20
N VAL A 415 -16.43 -14.38 -26.76
CA VAL A 415 -17.14 -15.32 -27.63
C VAL A 415 -18.63 -15.30 -27.25
N THR A 416 -19.45 -14.66 -28.10
CA THR A 416 -20.90 -14.58 -27.94
C THR A 416 -21.53 -15.34 -29.10
N ASN A 417 -22.47 -16.27 -28.82
CA ASN A 417 -23.16 -17.06 -29.85
C ASN A 417 -22.20 -17.76 -30.85
N GLY A 418 -21.08 -18.28 -30.33
CA GLY A 418 -20.04 -18.91 -31.14
C GLY A 418 -19.19 -17.91 -31.92
N LEU A 419 -19.64 -16.64 -31.97
CA LEU A 419 -19.02 -15.53 -32.69
C LEU A 419 -18.00 -14.77 -31.82
N GLY A 420 -16.74 -14.83 -32.21
CA GLY A 420 -15.65 -14.14 -31.54
C GLY A 420 -15.64 -12.66 -31.87
N ILE A 421 -15.36 -11.81 -30.86
CA ILE A 421 -15.31 -10.36 -31.05
C ILE A 421 -13.98 -9.84 -30.48
N ASN A 422 -13.19 -9.16 -31.33
CA ASN A 422 -11.91 -8.56 -30.92
C ASN A 422 -12.25 -7.19 -30.32
N VAL A 423 -12.57 -7.20 -29.01
CA VAL A 423 -12.94 -6.00 -28.23
C VAL A 423 -11.73 -5.17 -27.82
N PHE A 424 -11.91 -3.86 -27.64
CA PHE A 424 -10.87 -2.89 -27.31
C PHE A 424 -11.51 -1.57 -26.85
N LYS A 425 -10.65 -0.59 -26.52
CA LYS A 425 -11.01 0.79 -26.20
C LYS A 425 -9.98 1.77 -26.78
N ASP A 426 -10.41 2.51 -27.82
CA ASP A 426 -9.59 3.49 -28.55
C ASP A 426 -10.22 4.90 -28.44
N PRO A 427 -10.20 5.56 -27.24
CA PRO A 427 -10.82 6.89 -27.15
C PRO A 427 -9.97 7.97 -27.81
N VAL A 428 -10.65 8.90 -28.49
CA VAL A 428 -10.04 10.04 -29.18
C VAL A 428 -9.51 11.10 -28.20
N ALA A 429 -10.18 11.27 -27.03
CA ALA A 429 -9.80 12.22 -25.98
C ALA A 429 -8.37 11.94 -25.49
N ASP A 430 -8.15 10.80 -24.79
CA ASP A 430 -6.82 10.36 -24.36
C ASP A 430 -6.44 9.24 -25.34
N PRO A 431 -5.58 9.53 -26.35
CA PRO A 431 -5.22 8.49 -27.32
C PRO A 431 -4.38 7.38 -26.67
N ASN A 432 -3.38 7.77 -25.83
CA ASN A 432 -2.43 6.90 -25.13
C ASN A 432 -1.83 5.91 -26.15
N LYS A 433 -1.94 4.60 -25.92
CA LYS A 433 -1.48 3.61 -26.88
C LYS A 433 -2.65 2.72 -27.31
N ARG A 434 -3.78 2.82 -26.56
CA ARG A 434 -5.03 2.09 -26.74
C ARG A 434 -4.90 0.60 -26.44
N SER A 435 -6.06 -0.03 -26.20
CA SER A 435 -6.23 -1.43 -25.86
C SER A 435 -5.89 -2.35 -27.06
N LYS A 436 -5.25 -3.49 -26.79
CA LYS A 436 -4.94 -4.49 -27.81
C LYS A 436 -6.23 -5.26 -28.17
N LYS A 437 -6.23 -5.95 -29.32
CA LYS A 437 -7.39 -6.66 -29.81
C LYS A 437 -7.18 -8.15 -29.95
N GLY A 438 -8.20 -8.91 -29.54
CA GLY A 438 -8.26 -10.36 -29.65
C GLY A 438 -7.26 -11.15 -28.86
N ARG A 439 -7.17 -12.47 -29.16
CA ARG A 439 -6.26 -13.43 -28.52
C ARG A 439 -4.82 -12.95 -28.69
N LEU A 440 -4.03 -13.05 -27.59
CA LEU A 440 -2.67 -12.54 -27.52
C LEU A 440 -1.62 -13.57 -27.20
N SER A 441 -0.37 -13.25 -27.60
CA SER A 441 0.80 -14.09 -27.38
C SER A 441 2.08 -13.25 -27.39
N LEU A 442 3.06 -13.67 -26.57
CA LEU A 442 4.33 -12.99 -26.44
C LEU A 442 5.41 -13.83 -27.11
N HIS A 443 6.26 -13.18 -27.92
CA HIS A 443 7.35 -13.86 -28.61
C HIS A 443 8.62 -13.03 -28.61
N ARG A 444 9.76 -13.71 -28.66
CA ARG A 444 11.05 -13.07 -28.81
C ARG A 444 11.42 -13.33 -30.26
N THR A 445 11.56 -12.26 -31.05
CA THR A 445 11.91 -12.36 -32.48
C THR A 445 13.37 -12.88 -32.65
N PRO A 446 13.76 -13.41 -33.85
CA PRO A 446 15.17 -13.83 -34.06
C PRO A 446 16.20 -12.80 -33.57
N ALA A 447 15.94 -11.49 -33.85
CA ALA A 447 16.73 -10.31 -33.47
C ALA A 447 16.72 -9.97 -31.95
N GLY A 448 16.10 -10.83 -31.15
CA GLY A 448 16.01 -10.73 -29.69
C GLY A 448 14.99 -9.76 -29.14
N ASN A 449 14.09 -9.26 -29.99
CA ASN A 449 13.06 -8.31 -29.57
C ASN A 449 11.77 -9.00 -29.13
N PHE A 450 11.17 -8.46 -28.07
CA PHE A 450 9.90 -8.96 -27.57
C PHE A 450 8.78 -8.36 -28.40
N VAL A 451 7.87 -9.24 -28.88
CA VAL A 451 6.75 -8.83 -29.70
C VAL A 451 5.46 -9.43 -29.14
N THR A 452 4.38 -8.63 -29.11
CA THR A 452 3.06 -9.10 -28.68
C THR A 452 2.18 -9.23 -29.95
N LEU A 453 1.72 -10.44 -30.26
CA LEU A 453 0.90 -10.68 -31.45
C LEU A 453 -0.58 -10.72 -31.13
N GLU A 454 -1.30 -9.71 -31.66
CA GLU A 454 -2.73 -9.43 -31.54
C GLU A 454 -3.59 -10.27 -32.49
N GLU A 455 -4.92 -10.19 -32.32
CA GLU A 455 -5.96 -10.84 -33.15
C GLU A 455 -5.67 -12.31 -33.52
N GLY A 456 -4.97 -13.01 -32.62
CA GLY A 456 -4.58 -14.40 -32.80
C GLY A 456 -3.43 -14.62 -33.77
N LYS A 457 -2.80 -13.52 -34.28
CA LYS A 457 -1.69 -13.61 -35.26
C LYS A 457 -0.54 -14.48 -34.77
N GLY A 458 -0.49 -14.69 -33.46
CA GLY A 458 0.49 -15.55 -32.80
C GLY A 458 0.25 -17.01 -33.13
N ASP A 459 -1.02 -17.38 -33.46
CA ASP A 459 -1.44 -18.72 -33.88
C ASP A 459 -0.72 -19.15 -35.19
N LEU A 460 -0.10 -18.18 -35.89
CA LEU A 460 0.73 -18.39 -37.08
C LEU A 460 2.12 -18.91 -36.65
N GLU A 461 2.54 -18.60 -35.38
CA GLU A 461 3.83 -19.00 -34.76
C GLU A 461 5.06 -18.65 -35.61
N GLU A 462 4.92 -17.57 -36.38
CA GLU A 462 5.90 -17.00 -37.28
C GLU A 462 7.11 -16.46 -36.52
N TYR A 463 6.88 -15.89 -35.31
CA TYR A 463 7.89 -15.27 -34.43
C TYR A 463 8.49 -16.16 -33.32
N GLY A 464 8.34 -17.47 -33.46
CA GLY A 464 8.84 -18.43 -32.49
C GLY A 464 7.79 -18.88 -31.49
N GLN A 465 8.23 -19.49 -30.38
CA GLN A 465 7.33 -20.01 -29.34
C GLN A 465 6.69 -18.87 -28.52
N ASP A 466 5.47 -19.11 -28.01
CA ASP A 466 4.77 -18.16 -27.14
C ASP A 466 5.44 -18.25 -25.79
N LEU A 467 5.91 -17.11 -25.28
CA LEU A 467 6.61 -16.98 -24.01
C LEU A 467 5.70 -17.18 -22.79
N LEU A 468 4.41 -16.94 -22.96
CA LEU A 468 3.43 -17.13 -21.90
C LEU A 468 3.18 -18.62 -21.78
N HIS A 469 3.06 -19.10 -20.55
CA HIS A 469 2.82 -20.48 -20.22
C HIS A 469 1.66 -20.50 -19.25
N THR A 470 0.91 -21.60 -19.26
CA THR A 470 -0.20 -21.84 -18.36
C THR A 470 0.33 -22.09 -16.97
N VAL A 471 0.06 -21.12 -16.08
CA VAL A 471 0.47 -21.15 -14.69
C VAL A 471 -0.66 -21.60 -13.74
N PHE A 472 -1.89 -21.46 -14.20
CA PHE A 472 -3.12 -21.70 -13.49
C PHE A 472 -4.17 -22.16 -14.47
N LYS A 473 -4.90 -23.23 -14.11
CA LYS A 473 -6.02 -23.85 -14.84
C LYS A 473 -6.91 -24.69 -13.91
N ASN A 474 -8.17 -24.29 -13.75
CA ASN A 474 -9.17 -25.01 -12.93
C ASN A 474 -8.77 -25.36 -11.50
N GLY A 475 -8.36 -24.35 -10.75
CA GLY A 475 -8.01 -24.51 -9.33
C GLY A 475 -6.65 -25.08 -9.03
N LYS A 476 -5.84 -25.30 -10.06
CA LYS A 476 -4.52 -25.84 -9.88
C LYS A 476 -3.46 -24.91 -10.40
N VAL A 477 -2.32 -24.82 -9.66
CA VAL A 477 -1.11 -24.13 -10.11
C VAL A 477 -0.39 -25.20 -10.91
N THR A 478 -0.23 -24.95 -12.19
CA THR A 478 0.29 -25.87 -13.19
C THR A 478 1.74 -25.61 -13.47
N LYS A 479 2.19 -24.36 -13.26
CA LYS A 479 3.58 -23.99 -13.47
C LYS A 479 4.04 -23.05 -12.36
N SER A 480 5.11 -23.48 -11.65
CA SER A 480 5.74 -22.77 -10.52
C SER A 480 7.19 -22.38 -10.82
N TYR A 481 7.71 -21.40 -10.11
CA TYR A 481 9.11 -20.96 -10.23
C TYR A 481 9.67 -20.69 -8.84
N SER A 482 10.90 -21.17 -8.60
CA SER A 482 11.64 -20.94 -7.37
C SER A 482 12.19 -19.52 -7.42
N PHE A 483 12.38 -18.89 -6.24
CA PHE A 483 12.89 -17.53 -6.19
C PHE A 483 14.25 -17.40 -6.89
N ASP A 484 15.08 -18.48 -6.84
CA ASP A 484 16.40 -18.54 -7.51
C ASP A 484 16.24 -18.43 -9.04
N GLU A 485 15.26 -19.15 -9.65
CA GLU A 485 14.96 -19.03 -11.08
C GLU A 485 14.58 -17.57 -11.38
N ILE A 486 13.69 -16.98 -10.55
CA ILE A 486 13.25 -15.58 -10.69
C ILE A 486 14.45 -14.64 -10.65
N ARG A 487 15.30 -14.78 -9.60
CA ARG A 487 16.51 -13.98 -9.44
C ARG A 487 17.35 -14.04 -10.70
N LYS A 488 17.61 -15.27 -11.19
CA LYS A 488 18.39 -15.54 -12.40
C LYS A 488 17.77 -14.91 -13.66
N ASN A 489 16.44 -14.99 -13.81
CA ASN A 489 15.73 -14.37 -14.92
C ASN A 489 15.77 -12.82 -14.87
N ALA A 490 16.01 -12.28 -13.70
CA ALA A 490 16.02 -10.87 -13.48
C ALA A 490 17.39 -10.23 -13.47
N GLN A 491 18.43 -11.04 -13.49
CA GLN A 491 19.82 -10.67 -13.64
C GLN A 491 20.19 -9.50 -14.53
N LEU A 492 21.12 -8.70 -14.06
CA LEU A 492 21.69 -7.67 -14.86
C LEU A 492 22.60 -8.24 -15.90
N ASN A 493 22.65 -7.63 -17.06
CA ASN A 493 23.52 -8.17 -18.12
C ASN A 493 24.53 -7.16 -18.62
N ILE A 494 25.77 -7.64 -18.88
CA ILE A 494 26.84 -6.79 -19.41
C ILE A 494 26.79 -6.81 -20.93
N GLU A 495 25.78 -6.09 -21.46
CA GLU A 495 25.52 -5.90 -22.88
C GLU A 495 25.98 -4.49 -23.25
N PHE B 19 0.92 -15.64 11.08
CA PHE B 19 1.59 -14.45 11.63
C PHE B 19 2.42 -14.73 12.90
N ASN B 20 3.65 -14.18 12.95
CA ASN B 20 4.58 -14.34 14.09
C ASN B 20 5.16 -12.98 14.51
N ILE B 21 4.61 -12.42 15.56
CA ILE B 21 5.05 -11.13 16.13
C ILE B 21 6.59 -11.02 16.32
N LEU B 22 7.28 -12.15 16.48
CA LEU B 22 8.73 -12.15 16.67
C LEU B 22 9.43 -11.95 15.32
N LEU B 23 8.65 -11.98 14.23
CA LEU B 23 9.12 -11.79 12.84
C LEU B 23 8.47 -10.58 12.21
N ALA B 24 7.78 -9.76 13.03
CA ALA B 24 7.13 -8.55 12.56
C ALA B 24 7.68 -7.23 13.11
N THR B 25 9.00 -7.08 13.12
CA THR B 25 9.68 -5.83 13.51
C THR B 25 10.71 -5.53 12.41
N ASP B 26 11.36 -4.34 12.44
CA ASP B 26 12.47 -4.06 11.53
C ASP B 26 13.64 -4.83 12.09
N SER B 27 14.38 -5.56 11.24
CA SER B 27 15.51 -6.39 11.67
C SER B 27 16.42 -5.77 12.73
N TYR B 28 16.83 -4.52 12.55
CA TYR B 28 17.74 -3.86 13.48
C TYR B 28 17.21 -3.81 14.94
N LYS B 29 15.89 -3.70 15.12
CA LYS B 29 15.25 -3.69 16.43
C LYS B 29 15.40 -4.99 17.23
N VAL B 30 15.64 -6.11 16.54
CA VAL B 30 15.86 -7.44 17.14
C VAL B 30 17.06 -7.46 18.12
N THR B 31 18.10 -6.70 17.76
CA THR B 31 19.40 -6.58 18.44
C THR B 31 19.45 -5.54 19.57
N HIS B 32 18.41 -4.74 19.74
CA HIS B 32 18.27 -3.65 20.71
C HIS B 32 18.41 -3.98 22.20
N TYR B 33 18.03 -5.19 22.65
CA TYR B 33 18.14 -5.66 24.04
C TYR B 33 19.62 -5.73 24.48
N LYS B 34 20.56 -5.70 23.49
CA LYS B 34 22.02 -5.73 23.67
C LYS B 34 22.58 -4.33 23.49
N GLN B 35 21.73 -3.29 23.42
CA GLN B 35 22.17 -1.92 23.12
C GLN B 35 21.85 -0.81 24.16
N TYR B 36 20.93 -1.09 25.09
CA TYR B 36 20.58 -0.09 26.08
C TYR B 36 21.58 -0.09 27.26
N PRO B 37 21.71 1.02 28.03
CA PRO B 37 22.62 0.98 29.21
C PRO B 37 22.11 -0.04 30.25
N PRO B 38 22.95 -0.47 31.23
CA PRO B 38 22.44 -1.45 32.21
C PRO B 38 21.35 -0.84 33.07
N ASN B 39 20.43 -1.70 33.58
CA ASN B 39 19.32 -1.25 34.41
C ASN B 39 18.36 -0.26 33.72
N THR B 40 18.01 -0.56 32.45
CA THR B 40 17.01 0.22 31.71
C THR B 40 15.69 -0.48 32.05
N SER B 41 14.78 0.26 32.69
CA SER B 41 13.50 -0.27 33.19
C SER B 41 12.30 0.19 32.40
N LYS B 42 12.39 1.32 31.71
CA LYS B 42 11.26 1.85 30.93
C LYS B 42 11.65 2.57 29.68
N VAL B 43 10.99 2.20 28.57
CA VAL B 43 11.09 2.91 27.30
C VAL B 43 9.64 3.29 27.02
N TYR B 44 9.37 4.60 26.97
CA TYR B 44 8.04 5.18 26.73
C TYR B 44 8.13 6.02 25.47
N SER B 45 7.29 5.66 24.47
CA SER B 45 7.24 6.34 23.18
C SER B 45 5.84 6.79 22.87
N TYR B 46 5.72 7.72 21.93
CA TYR B 46 4.41 8.25 21.55
C TYR B 46 4.30 8.45 20.03
N PHE B 47 3.09 8.64 19.58
CA PHE B 47 2.79 8.87 18.19
C PHE B 47 2.06 10.21 18.03
N GLU B 48 2.48 10.95 17.00
CA GLU B 48 1.87 12.22 16.65
C GLU B 48 1.95 12.52 15.15
N CYS B 49 1.04 13.38 14.70
CA CYS B 49 1.04 13.90 13.35
C CYS B 49 1.60 15.32 13.51
N ARG B 50 2.94 15.42 13.43
CA ARG B 50 3.66 16.70 13.62
C ARG B 50 3.16 17.77 12.66
N GLU B 51 3.09 19.01 13.15
CA GLU B 51 2.73 20.22 12.40
C GLU B 51 3.73 20.49 11.25
N LYS B 52 3.25 21.22 10.22
CA LYS B 52 4.01 21.69 9.04
C LYS B 52 3.24 22.79 8.28
N LYS B 63 -3.48 22.98 4.99
CA LYS B 63 -3.98 21.90 4.15
C LYS B 63 -4.68 20.85 5.01
N TYR B 64 -3.92 20.13 5.86
CA TYR B 64 -4.45 19.10 6.76
C TYR B 64 -4.18 19.52 8.19
N GLU B 65 -5.02 20.39 8.74
CA GLU B 65 -4.84 20.91 10.08
C GLU B 65 -5.31 19.97 11.18
N GLU B 66 -6.33 19.16 10.90
CA GLU B 66 -6.88 18.23 11.87
C GLU B 66 -6.91 16.80 11.35
N THR B 67 -6.52 15.84 12.20
CA THR B 67 -6.45 14.42 11.83
C THR B 67 -7.48 13.53 12.50
N VAL B 68 -7.98 12.50 11.75
CA VAL B 68 -8.93 11.55 12.27
C VAL B 68 -8.14 10.43 12.89
N PHE B 69 -8.37 10.15 14.16
CA PHE B 69 -7.67 9.05 14.78
C PHE B 69 -8.48 7.77 14.56
N TYR B 70 -7.96 6.88 13.69
CA TYR B 70 -8.66 5.65 13.34
C TYR B 70 -7.66 4.58 12.94
N GLY B 71 -7.96 3.32 13.31
CA GLY B 71 -7.19 2.15 12.88
C GLY B 71 -6.40 1.33 13.87
N LEU B 72 -6.14 1.83 15.06
CA LEU B 72 -5.37 1.09 16.04
C LEU B 72 -6.08 -0.14 16.60
N GLN B 73 -7.42 -0.07 16.83
CA GLN B 73 -8.22 -1.19 17.36
C GLN B 73 -8.04 -2.45 16.54
N TYR B 74 -7.96 -2.27 15.20
CA TYR B 74 -7.67 -3.32 14.22
C TYR B 74 -6.29 -3.96 14.54
N ILE B 75 -5.23 -3.12 14.63
CA ILE B 75 -3.85 -3.58 14.95
C ILE B 75 -3.80 -4.30 16.30
N LEU B 76 -4.44 -3.71 17.30
CA LEU B 76 -4.54 -4.29 18.62
C LEU B 76 -5.12 -5.69 18.57
N ASN B 77 -6.30 -5.84 17.99
CA ASN B 77 -6.98 -7.14 17.89
C ASN B 77 -6.33 -8.19 16.98
N LYS B 78 -5.91 -7.81 15.75
CA LYS B 78 -5.30 -8.74 14.80
C LYS B 78 -3.93 -9.23 15.18
N TYR B 79 -3.06 -8.34 15.71
CA TYR B 79 -1.65 -8.70 15.95
C TYR B 79 -1.15 -8.70 17.38
N LEU B 80 -1.75 -7.91 18.28
CA LEU B 80 -1.21 -7.75 19.63
C LEU B 80 -1.87 -8.48 20.82
N LYS B 81 -3.19 -8.78 20.78
CA LYS B 81 -3.86 -9.44 21.91
C LYS B 81 -3.74 -10.94 22.02
N GLY B 82 -3.82 -11.42 23.25
CA GLY B 82 -3.78 -12.85 23.56
C GLY B 82 -2.39 -13.41 23.61
N LYS B 83 -2.29 -14.74 23.53
CA LYS B 83 -1.04 -15.44 23.55
C LYS B 83 -0.32 -15.30 22.17
N VAL B 84 0.39 -14.17 22.00
CA VAL B 84 1.13 -13.84 20.75
C VAL B 84 2.52 -14.49 20.67
N VAL B 85 3.09 -14.87 21.83
CA VAL B 85 4.42 -15.49 21.99
C VAL B 85 4.16 -16.95 22.32
N THR B 86 4.82 -17.89 21.64
CA THR B 86 4.68 -19.34 21.91
C THR B 86 6.01 -19.96 21.73
N LYS B 87 6.18 -21.18 22.22
CA LYS B 87 7.46 -21.85 22.11
C LYS B 87 7.89 -22.12 20.67
N GLU B 88 6.90 -22.33 19.79
CA GLU B 88 7.03 -22.59 18.36
C GLU B 88 7.46 -21.30 17.64
N LYS B 89 6.84 -20.17 18.05
CA LYS B 89 7.13 -18.85 17.51
C LYS B 89 8.53 -18.38 17.90
N ILE B 90 8.98 -18.71 19.13
CA ILE B 90 10.34 -18.37 19.61
C ILE B 90 11.37 -19.14 18.77
N GLN B 91 11.10 -20.45 18.57
CA GLN B 91 11.96 -21.37 17.81
C GLN B 91 12.09 -21.00 16.33
N GLU B 92 10.95 -20.62 15.70
CA GLU B 92 10.91 -20.17 14.31
C GLU B 92 11.80 -18.91 14.16
N ALA B 93 11.56 -17.89 15.03
CA ALA B 93 12.32 -16.63 15.06
C ALA B 93 13.85 -16.87 15.25
N LYS B 94 14.24 -17.68 16.24
CA LYS B 94 15.65 -18.00 16.47
C LYS B 94 16.33 -18.57 15.22
N ASP B 95 15.63 -19.46 14.49
CA ASP B 95 16.14 -20.10 13.29
C ASP B 95 16.25 -19.15 12.10
N VAL B 96 15.29 -18.22 11.98
CA VAL B 96 15.27 -17.22 10.92
C VAL B 96 16.37 -16.19 11.19
N TYR B 97 16.47 -15.68 12.44
CA TYR B 97 17.48 -14.68 12.79
C TYR B 97 18.92 -15.12 12.63
N LYS B 98 19.19 -16.40 13.01
CA LYS B 98 20.48 -17.10 12.91
C LYS B 98 21.01 -17.02 11.50
N GLU B 99 20.13 -17.22 10.49
CA GLU B 99 20.45 -17.13 9.07
C GLU B 99 20.42 -15.69 8.55
N HIS B 100 19.40 -14.91 8.94
CA HIS B 100 19.23 -13.51 8.55
C HIS B 100 20.42 -12.64 8.96
N PHE B 101 20.89 -12.77 10.23
CA PHE B 101 22.02 -12.01 10.76
C PHE B 101 23.37 -12.74 10.66
N GLN B 102 23.36 -14.04 10.31
CA GLN B 102 24.58 -14.86 10.22
C GLN B 102 25.32 -14.97 11.58
N ASP B 103 24.56 -14.84 12.69
CA ASP B 103 25.03 -14.83 14.07
C ASP B 103 23.85 -14.97 15.05
N ASP B 104 24.12 -15.25 16.33
CA ASP B 104 23.09 -15.33 17.38
C ASP B 104 22.98 -14.00 18.13
N VAL B 105 21.98 -13.19 17.76
CA VAL B 105 21.70 -11.85 18.28
C VAL B 105 20.20 -11.70 18.62
N PHE B 106 19.51 -12.84 18.77
CA PHE B 106 18.08 -12.92 19.11
C PHE B 106 17.91 -13.15 20.60
N ASN B 107 16.97 -12.41 21.23
CA ASN B 107 16.71 -12.53 22.65
C ASN B 107 15.85 -13.74 23.06
N GLU B 108 16.41 -14.96 22.96
CA GLU B 108 15.71 -16.19 23.34
C GLU B 108 15.20 -16.17 24.79
N LYS B 109 16.06 -15.79 25.77
CA LYS B 109 15.72 -15.67 27.20
C LYS B 109 14.60 -14.67 27.49
N GLY B 110 14.73 -13.47 26.92
CA GLY B 110 13.76 -12.38 27.09
C GLY B 110 12.39 -12.70 26.56
N TRP B 111 12.33 -13.45 25.44
CA TRP B 111 11.05 -13.84 24.88
C TRP B 111 10.49 -15.01 25.71
N ASN B 112 11.36 -15.93 26.18
CA ASN B 112 10.98 -17.04 27.05
C ASN B 112 10.40 -16.54 28.36
N TYR B 113 10.95 -15.45 28.89
CA TYR B 113 10.47 -14.74 30.08
C TYR B 113 9.01 -14.26 29.86
N ILE B 114 8.67 -13.72 28.66
CA ILE B 114 7.29 -13.29 28.38
C ILE B 114 6.38 -14.55 28.30
N LEU B 115 6.90 -15.65 27.67
CA LEU B 115 6.18 -16.89 27.52
C LEU B 115 5.78 -17.47 28.89
N GLU B 116 6.77 -17.65 29.82
CA GLU B 116 6.60 -18.18 31.17
C GLU B 116 5.90 -17.23 32.16
N LYS B 117 6.37 -15.96 32.30
CA LYS B 117 5.79 -15.02 33.26
C LYS B 117 4.47 -14.39 32.83
N TYR B 118 4.19 -14.38 31.53
CA TYR B 118 2.94 -13.75 31.11
C TYR B 118 2.05 -14.61 30.24
N ASP B 119 2.34 -15.92 30.10
CA ASP B 119 1.52 -16.81 29.24
C ASP B 119 1.46 -16.27 27.78
N GLY B 120 2.62 -15.83 27.31
CA GLY B 120 2.87 -15.29 25.98
C GLY B 120 2.10 -14.04 25.63
N HIS B 121 1.58 -13.29 26.66
CA HIS B 121 0.86 -12.01 26.52
C HIS B 121 1.88 -10.89 26.59
N LEU B 122 1.78 -9.87 25.74
CA LEU B 122 2.80 -8.79 25.74
C LEU B 122 2.68 -7.77 26.91
N PRO B 123 3.76 -7.65 27.74
CA PRO B 123 3.73 -6.70 28.87
C PRO B 123 3.98 -5.25 28.41
N ILE B 124 2.94 -4.66 27.85
CA ILE B 124 2.91 -3.35 27.24
C ILE B 124 1.59 -2.67 27.57
N GLU B 125 1.61 -1.33 27.60
CA GLU B 125 0.43 -0.52 27.81
C GLU B 125 0.34 0.55 26.73
N ILE B 126 -0.80 0.56 26.02
CA ILE B 126 -1.06 1.54 24.98
C ILE B 126 -2.22 2.39 25.45
N LYS B 127 -2.00 3.70 25.49
CA LYS B 127 -2.99 4.68 25.88
C LYS B 127 -3.22 5.49 24.65
N ALA B 128 -4.48 5.64 24.24
CA ALA B 128 -4.81 6.34 22.99
C ALA B 128 -6.04 7.21 23.10
N VAL B 129 -6.13 8.20 22.19
CA VAL B 129 -7.28 9.09 22.08
C VAL B 129 -8.47 8.26 21.50
N PRO B 130 -9.76 8.51 21.79
CA PRO B 130 -10.81 7.64 21.23
C PRO B 130 -10.83 7.59 19.70
N GLU B 131 -11.08 6.41 19.12
CA GLU B 131 -11.12 6.26 17.67
C GLU B 131 -12.24 7.12 17.08
N GLY B 132 -11.91 7.87 16.03
CA GLY B 132 -12.85 8.79 15.41
C GLY B 132 -12.63 10.23 15.85
N PHE B 133 -11.84 10.45 16.91
CA PHE B 133 -11.55 11.80 17.38
C PHE B 133 -10.76 12.62 16.38
N VAL B 134 -11.22 13.85 16.17
CA VAL B 134 -10.58 14.77 15.25
C VAL B 134 -9.72 15.72 16.06
N ILE B 135 -8.39 15.50 15.98
CA ILE B 135 -7.35 16.16 16.77
C ILE B 135 -6.42 17.04 15.92
N PRO B 136 -6.19 18.32 16.35
CA PRO B 136 -5.26 19.19 15.60
C PRO B 136 -3.82 18.63 15.56
N ARG B 137 -3.07 19.02 14.52
CA ARG B 137 -1.69 18.59 14.29
C ARG B 137 -0.81 18.91 15.49
N GLY B 138 0.27 18.16 15.65
CA GLY B 138 1.24 18.33 16.72
C GLY B 138 0.75 17.94 18.10
N ASN B 139 -0.15 16.94 18.17
CA ASN B 139 -0.68 16.46 19.46
C ASN B 139 -0.48 14.98 19.65
N VAL B 140 -0.35 14.54 20.92
CA VAL B 140 -0.18 13.13 21.24
C VAL B 140 -1.45 12.38 20.89
N LEU B 141 -1.31 11.32 20.05
CA LEU B 141 -2.48 10.55 19.67
C LEU B 141 -2.56 9.26 20.45
N PHE B 142 -1.41 8.62 20.68
CA PHE B 142 -1.30 7.41 21.46
C PHE B 142 0.13 7.26 21.99
N THR B 143 0.29 6.54 23.13
CA THR B 143 1.56 6.25 23.78
C THR B 143 1.73 4.74 23.99
N VAL B 144 2.97 4.27 24.01
CA VAL B 144 3.35 2.88 24.24
C VAL B 144 4.43 2.85 25.28
N GLU B 145 4.45 1.80 26.11
CA GLU B 145 5.49 1.60 27.13
C GLU B 145 5.45 0.17 27.64
N ASN B 146 6.54 -0.29 28.29
CA ASN B 146 6.56 -1.64 28.88
C ASN B 146 6.03 -1.57 30.32
N THR B 147 5.34 -2.66 30.78
CA THR B 147 4.82 -2.74 32.14
C THR B 147 5.84 -3.45 33.04
N ASP B 148 6.56 -4.44 32.48
CA ASP B 148 7.59 -5.20 33.16
C ASP B 148 8.93 -4.56 32.83
N PRO B 149 9.76 -4.20 33.84
CA PRO B 149 11.07 -3.59 33.52
C PRO B 149 12.05 -4.50 32.76
N GLU B 150 11.87 -5.82 32.87
CA GLU B 150 12.74 -6.77 32.18
C GLU B 150 12.58 -6.65 30.66
N CYS B 151 11.42 -6.13 30.24
CA CYS B 151 10.94 -5.97 28.88
C CYS B 151 11.08 -4.55 28.30
N TYR B 152 12.08 -3.76 28.78
CA TYR B 152 12.34 -2.37 28.33
C TYR B 152 12.41 -2.26 26.79
N TRP B 153 13.02 -3.27 26.15
CA TRP B 153 13.28 -3.40 24.71
C TRP B 153 12.03 -3.56 23.86
N LEU B 154 10.91 -3.97 24.49
CA LEU B 154 9.65 -4.27 23.84
C LEU B 154 8.97 -3.11 23.15
N THR B 155 9.03 -1.92 23.74
CA THR B 155 8.48 -0.68 23.17
C THR B 155 9.05 -0.44 21.74
N ASN B 156 10.36 -0.66 21.54
CA ASN B 156 10.98 -0.48 20.23
C ASN B 156 10.49 -1.55 19.28
N TRP B 157 10.45 -2.85 19.72
CA TRP B 157 10.00 -4.00 18.92
C TRP B 157 8.64 -3.72 18.24
N ILE B 158 7.65 -3.27 19.02
CA ILE B 158 6.31 -2.99 18.55
C ILE B 158 6.08 -1.68 17.83
N GLU B 159 7.09 -0.81 17.76
CA GLU B 159 6.98 0.45 17.02
C GLU B 159 6.46 0.22 15.56
N THR B 160 7.17 -0.63 14.82
CA THR B 160 6.96 -1.01 13.42
C THR B 160 5.49 -1.29 13.12
N ILE B 161 4.84 -2.24 13.85
CA ILE B 161 3.44 -2.60 13.70
C ILE B 161 2.50 -1.48 14.05
N LEU B 162 2.82 -0.72 15.10
CA LEU B 162 2.02 0.40 15.60
C LEU B 162 2.08 1.63 14.74
N VAL B 163 3.26 1.99 14.16
CA VAL B 163 3.40 3.17 13.26
C VAL B 163 2.54 2.98 11.98
N GLN B 164 2.31 1.72 11.56
CA GLN B 164 1.49 1.38 10.40
C GLN B 164 0.06 1.95 10.51
N SER B 165 -0.28 2.54 11.68
CA SER B 165 -1.56 3.21 11.90
C SER B 165 -1.59 4.55 11.18
N TRP B 166 -0.43 5.04 10.66
CA TRP B 166 -0.33 6.24 9.81
C TRP B 166 -1.32 6.12 8.68
N TYR B 167 -1.39 4.92 8.07
CA TYR B 167 -2.22 4.62 6.92
C TYR B 167 -3.67 4.78 7.18
N PRO B 168 -4.34 4.03 8.08
CA PRO B 168 -5.78 4.30 8.29
C PRO B 168 -6.03 5.73 8.73
N ILE B 169 -5.12 6.32 9.54
CA ILE B 169 -5.25 7.72 9.96
C ILE B 169 -5.30 8.70 8.73
N THR B 170 -4.36 8.52 7.78
CA THR B 170 -4.23 9.33 6.58
C THR B 170 -5.42 9.16 5.62
N VAL B 171 -5.86 7.94 5.41
CA VAL B 171 -7.02 7.69 4.54
C VAL B 171 -8.24 8.39 5.12
N ALA B 172 -8.51 8.18 6.42
CA ALA B 172 -9.67 8.74 7.11
C ALA B 172 -9.64 10.29 7.10
N THR B 173 -8.45 10.89 7.27
CA THR B 173 -8.26 12.34 7.26
C THR B 173 -8.49 12.92 5.88
N ASN B 174 -7.78 12.41 4.85
CA ASN B 174 -7.91 12.83 3.45
C ASN B 174 -9.33 12.66 2.93
N SER B 175 -9.99 11.55 3.28
CA SER B 175 -11.39 11.31 2.93
C SER B 175 -12.31 12.38 3.63
N ARG B 176 -12.07 12.68 4.92
CA ARG B 176 -12.85 13.71 5.66
C ARG B 176 -12.64 15.10 5.06
N GLU B 177 -11.40 15.39 4.58
CA GLU B 177 -11.08 16.69 3.98
C GLU B 177 -11.85 16.91 2.69
N GLN B 178 -12.08 15.80 1.96
CA GLN B 178 -12.86 15.79 0.73
C GLN B 178 -14.34 16.01 1.10
N LYS B 179 -14.78 15.39 2.21
CA LYS B 179 -16.14 15.52 2.76
C LYS B 179 -16.47 16.97 3.13
N LYS B 180 -15.46 17.77 3.51
CA LYS B 180 -15.61 19.21 3.81
C LYS B 180 -15.86 19.99 2.52
N ILE B 181 -15.10 19.68 1.42
CA ILE B 181 -15.25 20.32 0.11
C ILE B 181 -16.67 20.05 -0.41
N LEU B 182 -17.06 18.77 -0.48
CA LEU B 182 -18.40 18.36 -0.90
C LEU B 182 -19.51 18.94 -0.02
N ALA B 183 -19.24 19.23 1.28
CA ALA B 183 -20.24 19.88 2.13
C ALA B 183 -20.36 21.34 1.76
N LYS B 184 -19.24 22.03 1.53
CA LYS B 184 -19.25 23.44 1.17
C LYS B 184 -20.09 23.67 -0.10
N TYR B 185 -19.81 22.88 -1.16
CA TYR B 185 -20.51 22.99 -2.45
C TYR B 185 -21.94 22.46 -2.49
N LEU B 186 -22.26 21.44 -1.70
CA LEU B 186 -23.62 20.91 -1.55
C LEU B 186 -24.50 21.95 -0.80
N LEU B 187 -23.91 22.77 0.08
CA LEU B 187 -24.62 23.79 0.84
C LEU B 187 -24.93 25.02 -0.03
N GLU B 188 -23.89 25.60 -0.68
CA GLU B 188 -24.00 26.78 -1.54
C GLU B 188 -24.91 26.58 -2.75
N THR B 189 -24.82 25.41 -3.41
CA THR B 189 -25.61 25.13 -4.61
C THR B 189 -26.97 24.48 -4.33
N SER B 190 -27.21 23.99 -3.09
CA SER B 190 -28.46 23.30 -2.79
C SER B 190 -29.17 23.64 -1.47
N GLY B 191 -28.48 24.28 -0.54
CA GLY B 191 -29.05 24.68 0.75
C GLY B 191 -29.07 23.61 1.83
N ASN B 192 -28.73 22.35 1.47
CA ASN B 192 -28.72 21.23 2.42
C ASN B 192 -27.59 20.22 2.10
N LEU B 193 -27.39 19.21 2.98
CA LEU B 193 -26.37 18.17 2.84
C LEU B 193 -26.96 16.77 2.64
N ASP B 194 -28.13 16.69 2.00
CA ASP B 194 -28.80 15.43 1.73
C ASP B 194 -28.03 14.64 0.67
N GLY B 195 -27.56 13.46 1.08
CA GLY B 195 -26.76 12.57 0.25
C GLY B 195 -25.25 12.71 0.41
N LEU B 196 -24.77 13.61 1.30
CA LEU B 196 -23.33 13.85 1.56
C LEU B 196 -22.52 12.53 1.73
N GLU B 197 -23.06 11.57 2.50
CA GLU B 197 -22.42 10.28 2.73
C GLU B 197 -22.35 9.36 1.48
N TYR B 198 -22.93 9.80 0.35
CA TYR B 198 -22.92 9.07 -0.91
C TYR B 198 -22.28 9.82 -2.08
N LYS B 199 -21.72 11.01 -1.81
CA LYS B 199 -21.09 11.82 -2.87
C LYS B 199 -19.64 11.41 -3.21
N LEU B 200 -18.97 10.58 -2.34
CA LEU B 200 -17.61 10.13 -2.61
C LEU B 200 -17.49 8.64 -2.44
N HIS B 201 -17.55 7.90 -3.54
CA HIS B 201 -17.54 6.44 -3.55
C HIS B 201 -16.10 5.86 -3.64
N ASP B 202 -15.86 4.76 -2.95
CA ASP B 202 -14.55 4.10 -3.02
C ASP B 202 -14.45 3.09 -4.20
N PHE B 203 -13.51 3.39 -5.15
CA PHE B 203 -13.14 2.58 -6.32
C PHE B 203 -11.71 1.99 -6.19
N GLY B 204 -11.08 2.18 -5.02
CA GLY B 204 -9.70 1.81 -4.70
C GLY B 204 -9.19 0.38 -4.66
N TYR B 205 -10.05 -0.64 -4.77
CA TYR B 205 -9.62 -2.05 -4.65
C TYR B 205 -8.45 -2.46 -5.58
N ARG B 206 -8.53 -2.07 -6.85
CA ARG B 206 -7.53 -2.38 -7.88
C ARG B 206 -6.22 -1.62 -7.67
N GLY B 207 -6.37 -0.38 -7.26
CA GLY B 207 -5.29 0.60 -7.15
C GLY B 207 -4.32 0.46 -6.01
N VAL B 208 -4.67 -0.36 -5.02
CA VAL B 208 -3.87 -0.62 -3.81
C VAL B 208 -2.96 -1.83 -3.95
N SER B 209 -1.97 -1.89 -3.05
CA SER B 209 -0.89 -2.85 -2.95
C SER B 209 -1.19 -4.24 -2.44
N SER B 210 -2.30 -4.44 -1.66
CA SER B 210 -2.64 -5.77 -1.10
C SER B 210 -4.11 -5.83 -0.66
N GLN B 211 -4.60 -7.06 -0.41
CA GLN B 211 -5.92 -7.35 0.13
C GLN B 211 -6.09 -6.69 1.48
N GLU B 212 -5.05 -6.77 2.36
CA GLU B 212 -5.03 -6.15 3.70
C GLU B 212 -5.18 -4.62 3.64
N THR B 213 -4.37 -3.94 2.83
CA THR B 213 -4.42 -2.50 2.58
C THR B 213 -5.79 -2.13 2.11
N ALA B 214 -6.36 -2.92 1.18
CA ALA B 214 -7.69 -2.63 0.62
C ALA B 214 -8.77 -2.54 1.74
N GLY B 215 -8.82 -3.54 2.63
CA GLY B 215 -9.75 -3.56 3.74
C GLY B 215 -9.54 -2.41 4.71
N ILE B 216 -8.28 -2.15 5.13
CA ILE B 216 -7.94 -1.08 6.06
C ILE B 216 -8.32 0.24 5.41
N GLY B 217 -7.85 0.41 4.17
CA GLY B 217 -8.10 1.62 3.38
C GLY B 217 -9.57 1.94 3.27
N ALA B 218 -10.34 0.97 2.81
CA ALA B 218 -11.80 1.04 2.58
C ALA B 218 -12.54 1.30 3.88
N SER B 219 -12.06 0.72 4.99
CA SER B 219 -12.70 0.92 6.28
C SER B 219 -12.50 2.38 6.77
N ALA B 220 -11.37 2.99 6.40
CA ALA B 220 -11.06 4.37 6.77
C ALA B 220 -11.89 5.38 6.00
N HIS B 221 -12.21 5.10 4.76
CA HIS B 221 -13.10 5.93 3.93
C HIS B 221 -14.52 5.85 4.53
N LEU B 222 -14.96 4.63 4.89
CA LEU B 222 -16.25 4.36 5.50
C LEU B 222 -16.55 5.10 6.83
N VAL B 223 -15.55 5.73 7.47
CA VAL B 223 -15.65 6.58 8.67
C VAL B 223 -16.44 7.85 8.28
N ASN B 224 -16.12 8.42 7.11
CA ASN B 224 -16.72 9.62 6.55
C ASN B 224 -17.84 9.38 5.57
N PHE B 225 -17.81 8.27 4.81
CA PHE B 225 -18.83 8.04 3.78
C PHE B 225 -19.56 6.68 3.91
N LYS B 226 -20.58 6.43 3.03
CA LYS B 226 -21.33 5.17 3.02
C LYS B 226 -21.23 4.35 1.72
N GLY B 227 -20.57 4.93 0.70
CA GLY B 227 -20.36 4.31 -0.60
C GLY B 227 -19.03 3.60 -0.83
N THR B 228 -19.07 2.28 -0.97
CA THR B 228 -17.85 1.52 -1.28
C THR B 228 -18.04 0.35 -2.25
N ASP B 229 -17.05 0.13 -3.14
CA ASP B 229 -16.96 -1.03 -4.04
C ASP B 229 -15.87 -2.02 -3.54
N THR B 230 -15.05 -1.57 -2.56
CA THR B 230 -14.00 -2.34 -1.91
C THR B 230 -14.69 -3.08 -0.76
N VAL B 231 -15.26 -4.24 -1.09
CA VAL B 231 -16.05 -5.12 -0.20
C VAL B 231 -15.27 -5.54 1.03
N ALA B 232 -13.94 -5.63 0.93
CA ALA B 232 -13.05 -6.06 2.01
C ALA B 232 -13.12 -5.17 3.28
N GLY B 233 -13.52 -3.91 3.09
CA GLY B 233 -13.68 -2.95 4.18
C GLY B 233 -14.84 -3.31 5.09
N LEU B 234 -15.93 -3.85 4.52
CA LEU B 234 -17.10 -4.29 5.29
C LEU B 234 -16.73 -5.36 6.32
N ALA B 235 -16.11 -6.46 5.86
CA ALA B 235 -15.69 -7.60 6.67
C ALA B 235 -14.74 -7.20 7.82
N LEU B 236 -13.82 -6.24 7.54
CA LEU B 236 -12.88 -5.73 8.52
C LEU B 236 -13.67 -5.07 9.67
N ILE B 237 -14.56 -4.11 9.31
CA ILE B 237 -15.43 -3.36 10.24
C ILE B 237 -16.24 -4.31 11.14
N LYS B 238 -16.92 -5.32 10.53
CA LYS B 238 -17.75 -6.32 11.23
C LYS B 238 -16.99 -7.03 12.34
N LYS B 239 -15.79 -7.54 12.01
CA LYS B 239 -14.89 -8.31 12.85
C LYS B 239 -14.16 -7.49 13.93
N TYR B 240 -13.75 -6.27 13.58
CA TYR B 240 -12.91 -5.46 14.47
C TYR B 240 -13.58 -4.27 15.17
N TYR B 241 -14.73 -3.82 14.65
CA TYR B 241 -15.46 -2.68 15.20
C TYR B 241 -16.92 -2.98 15.54
N GLY B 242 -17.72 -3.27 14.52
CA GLY B 242 -19.14 -3.56 14.64
C GLY B 242 -20.02 -2.37 14.34
N THR B 243 -21.23 -2.64 13.86
CA THR B 243 -22.27 -1.65 13.53
C THR B 243 -23.63 -2.15 14.01
N LYS B 244 -24.54 -1.19 14.26
CA LYS B 244 -25.95 -1.43 14.62
C LYS B 244 -26.61 -1.84 13.29
N ASP B 245 -26.19 -1.16 12.20
CA ASP B 245 -26.60 -1.40 10.82
C ASP B 245 -26.03 -2.74 10.33
N PRO B 246 -26.72 -3.49 9.45
CA PRO B 246 -26.19 -4.81 9.01
C PRO B 246 -24.87 -4.74 8.24
N VAL B 247 -24.70 -3.67 7.40
CA VAL B 247 -23.47 -3.43 6.62
C VAL B 247 -23.02 -1.99 6.78
N PRO B 248 -21.70 -1.73 6.92
CA PRO B 248 -21.23 -0.33 7.05
C PRO B 248 -21.22 0.50 5.76
N GLY B 249 -21.14 -0.18 4.62
CA GLY B 249 -21.05 0.46 3.30
C GLY B 249 -22.03 -0.11 2.31
N TYR B 250 -22.30 0.64 1.24
CA TYR B 250 -23.27 0.31 0.22
C TYR B 250 -22.74 0.57 -1.21
N SER B 251 -23.34 -0.11 -2.20
CA SER B 251 -23.04 0.12 -3.61
C SER B 251 -24.26 -0.11 -4.49
N VAL B 252 -24.11 0.22 -5.78
CA VAL B 252 -25.16 0.08 -6.80
C VAL B 252 -24.63 -0.79 -7.98
N PRO B 253 -25.51 -1.51 -8.73
CA PRO B 253 -24.99 -2.25 -9.90
C PRO B 253 -24.47 -1.25 -10.93
N ALA B 254 -23.46 -1.65 -11.70
CA ALA B 254 -22.82 -0.78 -12.69
C ALA B 254 -22.31 -1.51 -13.92
N ALA B 255 -22.35 -0.81 -15.05
CA ALA B 255 -21.97 -1.32 -16.35
C ALA B 255 -20.64 -0.76 -16.85
N GLU B 256 -19.60 -1.62 -16.95
CA GLU B 256 -18.27 -1.23 -17.43
C GLU B 256 -18.15 -1.41 -18.96
N HIS B 257 -17.10 -0.82 -19.60
CA HIS B 257 -16.83 -0.90 -21.06
C HIS B 257 -16.84 -2.35 -21.52
N SER B 258 -16.11 -3.23 -20.80
CA SER B 258 -16.02 -4.67 -21.08
C SER B 258 -17.40 -5.34 -21.27
N THR B 259 -18.39 -5.04 -20.38
CA THR B 259 -19.74 -5.60 -20.51
C THR B 259 -20.56 -4.93 -21.62
N ILE B 260 -20.23 -3.67 -21.99
CA ILE B 260 -20.90 -2.95 -23.08
C ILE B 260 -20.24 -3.33 -24.41
N THR B 261 -18.90 -3.18 -24.54
CA THR B 261 -18.11 -3.51 -25.76
C THR B 261 -18.28 -4.98 -26.27
N ALA B 262 -18.98 -5.82 -25.48
CA ALA B 262 -19.27 -7.22 -25.73
C ALA B 262 -20.51 -7.43 -26.62
N TRP B 263 -21.45 -6.47 -26.62
CA TRP B 263 -22.71 -6.54 -27.38
C TRP B 263 -22.60 -6.07 -28.85
N GLY B 264 -21.52 -5.36 -29.19
CA GLY B 264 -21.30 -4.80 -30.52
C GLY B 264 -22.00 -3.48 -30.78
N LYS B 265 -21.37 -2.60 -31.59
CA LYS B 265 -21.80 -1.25 -32.01
C LYS B 265 -23.32 -1.09 -32.16
N ASP B 266 -23.94 -2.12 -32.72
CA ASP B 266 -25.34 -2.25 -33.09
C ASP B 266 -26.34 -2.44 -31.95
N HIS B 267 -25.94 -3.13 -30.88
CA HIS B 267 -26.85 -3.42 -29.76
C HIS B 267 -26.54 -2.71 -28.43
N GLU B 268 -25.97 -1.48 -28.50
CA GLU B 268 -25.70 -0.66 -27.31
C GLU B 268 -27.05 -0.32 -26.66
N LYS B 269 -28.05 -0.06 -27.51
CA LYS B 269 -29.45 0.23 -27.16
C LYS B 269 -30.15 -0.96 -26.50
N ASP B 270 -29.69 -2.19 -26.85
CA ASP B 270 -30.21 -3.45 -26.30
C ASP B 270 -29.41 -3.85 -25.05
N ALA B 271 -28.14 -3.38 -24.97
CA ALA B 271 -27.28 -3.57 -23.81
C ALA B 271 -27.83 -2.66 -22.69
N PHE B 272 -27.87 -1.32 -22.95
CA PHE B 272 -28.45 -0.30 -22.07
C PHE B 272 -29.81 -0.74 -21.56
N GLU B 273 -30.68 -1.25 -22.48
CA GLU B 273 -32.02 -1.73 -22.18
C GLU B 273 -32.02 -2.95 -21.29
N HIS B 274 -31.08 -3.89 -21.52
CA HIS B 274 -30.99 -5.13 -20.73
C HIS B 274 -30.61 -4.81 -19.30
N ILE B 275 -29.66 -3.86 -19.12
CA ILE B 275 -29.14 -3.42 -17.82
C ILE B 275 -30.19 -2.65 -17.01
N VAL B 276 -30.72 -1.55 -17.58
CA VAL B 276 -31.74 -0.71 -16.93
C VAL B 276 -32.98 -1.46 -16.44
N THR B 277 -33.40 -2.51 -17.19
CA THR B 277 -34.55 -3.37 -16.86
C THR B 277 -34.20 -4.44 -15.84
N GLN B 278 -32.95 -4.93 -15.85
CA GLN B 278 -32.48 -5.92 -14.88
C GLN B 278 -32.35 -5.25 -13.49
N PHE B 279 -31.91 -3.98 -13.47
CA PHE B 279 -31.72 -3.21 -12.25
C PHE B 279 -32.70 -2.05 -12.24
N SER B 280 -33.95 -2.35 -11.87
CA SER B 280 -35.05 -1.38 -11.83
C SER B 280 -35.31 -0.93 -10.39
N SER B 281 -35.22 -1.87 -9.45
CA SER B 281 -35.44 -1.68 -8.01
C SER B 281 -34.28 -0.92 -7.32
N VAL B 282 -33.18 -0.66 -8.06
CA VAL B 282 -31.95 -0.04 -7.58
C VAL B 282 -31.35 0.95 -8.56
N PRO B 283 -30.55 1.94 -8.09
CA PRO B 283 -29.93 2.89 -9.03
C PRO B 283 -29.03 2.16 -10.01
N VAL B 284 -28.81 2.73 -11.20
CA VAL B 284 -27.94 2.05 -12.16
C VAL B 284 -26.91 2.94 -12.79
N SER B 285 -25.66 2.49 -12.75
CA SER B 285 -24.54 3.22 -13.34
C SER B 285 -24.14 2.58 -14.67
N VAL B 286 -24.07 3.40 -15.74
CA VAL B 286 -23.72 2.94 -17.09
C VAL B 286 -22.62 3.82 -17.68
N VAL B 287 -21.43 3.25 -17.96
CA VAL B 287 -20.37 4.01 -18.60
C VAL B 287 -20.71 4.15 -20.10
N SER B 288 -21.32 5.31 -20.45
CA SER B 288 -21.88 5.64 -21.78
C SER B 288 -20.96 6.19 -22.91
N ASP B 289 -19.62 6.03 -22.78
CA ASP B 289 -18.69 6.46 -23.83
C ASP B 289 -18.01 5.25 -24.54
N SER B 290 -18.74 4.14 -24.65
CA SER B 290 -18.30 2.90 -25.30
C SER B 290 -18.25 3.12 -26.82
N TYR B 291 -19.32 3.73 -27.38
CA TYR B 291 -19.38 4.01 -28.81
C TYR B 291 -19.47 5.51 -29.09
N ASP B 292 -20.55 6.18 -28.64
CA ASP B 292 -20.72 7.62 -28.78
C ASP B 292 -21.54 8.26 -27.66
N ILE B 293 -20.87 9.14 -26.88
CA ILE B 293 -21.42 9.90 -25.75
C ILE B 293 -22.63 10.73 -26.18
N TYR B 294 -22.52 11.41 -27.35
CA TYR B 294 -23.58 12.23 -27.94
C TYR B 294 -24.82 11.40 -28.34
N ASN B 295 -24.62 10.30 -29.11
CA ASN B 295 -25.71 9.43 -29.59
C ASN B 295 -26.39 8.60 -28.49
N ALA B 296 -25.59 8.02 -27.56
CA ALA B 296 -26.14 7.23 -26.47
C ALA B 296 -27.06 8.10 -25.60
N CYS B 297 -26.65 9.36 -25.36
CA CYS B 297 -27.42 10.32 -24.58
C CYS B 297 -28.61 10.87 -25.36
N GLU B 298 -28.35 11.55 -26.49
CA GLU B 298 -29.37 12.18 -27.35
C GLU B 298 -30.40 11.22 -28.00
N LYS B 299 -29.93 10.11 -28.59
CA LYS B 299 -30.79 9.14 -29.26
C LYS B 299 -31.23 7.97 -28.36
N ILE B 300 -30.26 7.20 -27.79
CA ILE B 300 -30.57 6.01 -26.97
C ILE B 300 -31.31 6.33 -25.67
N TRP B 301 -30.68 7.13 -24.79
CA TRP B 301 -31.28 7.55 -23.53
C TRP B 301 -32.42 8.57 -23.83
N GLY B 302 -32.07 9.65 -24.54
CA GLY B 302 -32.92 10.77 -24.93
C GLY B 302 -34.28 10.45 -25.52
N GLU B 303 -34.38 9.35 -26.30
CA GLU B 303 -35.66 8.98 -26.91
C GLU B 303 -36.02 7.48 -26.95
N ASP B 304 -35.19 6.64 -27.59
CA ASP B 304 -35.41 5.19 -27.72
C ASP B 304 -35.75 4.45 -26.44
N LEU B 305 -35.08 4.78 -25.33
CA LEU B 305 -35.33 4.16 -24.03
C LEU B 305 -35.83 5.18 -22.99
N ARG B 306 -36.17 6.40 -23.44
CA ARG B 306 -36.66 7.48 -22.59
C ARG B 306 -37.87 7.08 -21.74
N HIS B 307 -38.63 6.08 -22.20
CA HIS B 307 -39.80 5.56 -21.49
C HIS B 307 -39.43 4.73 -20.26
N LEU B 308 -38.23 4.09 -20.29
CA LEU B 308 -37.66 3.26 -19.21
C LEU B 308 -36.73 4.10 -18.31
N ILE B 309 -36.57 5.40 -18.65
CA ILE B 309 -35.75 6.40 -17.92
C ILE B 309 -36.64 7.31 -17.05
N VAL B 310 -37.60 8.03 -17.68
CA VAL B 310 -38.53 8.94 -17.00
C VAL B 310 -39.45 8.17 -16.03
N SER B 311 -39.58 6.84 -16.22
CA SER B 311 -40.40 5.93 -15.42
C SER B 311 -39.72 5.51 -14.13
N ARG B 312 -38.38 5.68 -14.05
CA ARG B 312 -37.56 5.27 -12.91
C ARG B 312 -37.76 6.07 -11.64
N SER B 313 -37.67 5.36 -10.50
CA SER B 313 -37.77 5.89 -9.14
C SER B 313 -36.60 6.85 -8.86
N THR B 314 -36.82 7.83 -7.95
CA THR B 314 -35.80 8.79 -7.52
C THR B 314 -34.78 8.02 -6.68
N GLN B 315 -35.25 6.95 -5.99
CA GLN B 315 -34.49 6.02 -5.16
C GLN B 315 -33.76 4.96 -6.00
N ALA B 316 -34.04 4.93 -7.32
CA ALA B 316 -33.45 3.98 -8.27
C ALA B 316 -33.20 4.68 -9.62
N PRO B 317 -32.40 5.78 -9.66
CA PRO B 317 -32.20 6.49 -10.93
C PRO B 317 -31.08 5.93 -11.81
N LEU B 318 -31.04 6.38 -13.07
CA LEU B 318 -29.96 6.04 -13.97
C LEU B 318 -28.83 7.03 -13.68
N ILE B 319 -27.58 6.52 -13.61
CA ILE B 319 -26.36 7.30 -13.41
C ILE B 319 -25.47 7.11 -14.65
N ILE B 320 -25.11 8.22 -15.31
CA ILE B 320 -24.28 8.27 -16.49
C ILE B 320 -22.82 8.60 -16.11
N ARG B 321 -21.87 7.75 -16.55
CA ARG B 321 -20.46 7.97 -16.29
C ARG B 321 -19.88 8.78 -17.45
N PRO B 322 -19.34 10.01 -17.22
CA PRO B 322 -18.80 10.82 -18.33
C PRO B 322 -17.72 10.17 -19.20
N ASP B 323 -17.48 10.81 -20.37
CA ASP B 323 -16.45 10.40 -21.32
C ASP B 323 -15.03 10.73 -20.86
N SER B 324 -14.05 10.13 -21.53
CA SER B 324 -12.62 10.28 -21.26
C SER B 324 -12.12 11.71 -21.46
N GLY B 325 -11.05 12.06 -20.75
CA GLY B 325 -10.43 13.37 -20.86
C GLY B 325 -10.39 14.14 -19.56
N ASN B 326 -10.50 15.48 -19.67
CA ASN B 326 -10.51 16.40 -18.53
C ASN B 326 -11.77 16.13 -17.69
N PRO B 327 -11.62 15.72 -16.40
CA PRO B 327 -12.82 15.39 -15.59
C PRO B 327 -13.85 16.49 -15.44
N LEU B 328 -13.44 17.78 -15.38
CA LEU B 328 -14.40 18.89 -15.31
C LEU B 328 -15.10 19.07 -16.68
N ASP B 329 -14.31 19.31 -17.73
CA ASP B 329 -14.79 19.52 -19.09
C ASP B 329 -15.82 18.47 -19.49
N THR B 330 -15.48 17.16 -19.33
CA THR B 330 -16.37 16.06 -19.67
C THR B 330 -17.66 16.02 -18.83
N VAL B 331 -17.57 16.38 -17.53
CA VAL B 331 -18.72 16.46 -16.62
C VAL B 331 -19.68 17.55 -17.16
N LEU B 332 -19.13 18.71 -17.56
CA LEU B 332 -19.87 19.84 -18.11
C LEU B 332 -20.50 19.49 -19.47
N LYS B 333 -19.71 18.84 -20.37
CA LYS B 333 -20.18 18.41 -21.70
C LYS B 333 -21.37 17.47 -21.56
N VAL B 334 -21.29 16.46 -20.67
CA VAL B 334 -22.38 15.53 -20.37
C VAL B 334 -23.60 16.29 -19.86
N LEU B 335 -23.40 17.20 -18.88
CA LEU B 335 -24.46 18.04 -18.27
C LEU B 335 -25.16 18.92 -19.34
N GLU B 336 -24.39 19.57 -20.25
CA GLU B 336 -24.89 20.38 -21.38
C GLU B 336 -25.69 19.47 -22.35
N ILE B 337 -25.08 18.32 -22.78
CA ILE B 337 -25.69 17.32 -23.65
C ILE B 337 -27.02 16.83 -23.04
N LEU B 338 -27.03 16.40 -21.76
CA LEU B 338 -28.24 15.95 -21.08
C LEU B 338 -29.28 17.07 -20.99
N GLY B 339 -28.81 18.31 -20.95
CA GLY B 339 -29.67 19.49 -20.87
C GLY B 339 -30.60 19.57 -22.07
N LYS B 340 -29.98 19.68 -23.27
CA LYS B 340 -30.60 19.79 -24.58
C LYS B 340 -31.45 18.59 -24.99
N LYS B 341 -31.76 17.66 -24.05
CA LYS B 341 -32.57 16.47 -24.31
C LYS B 341 -33.46 16.02 -23.15
N PHE B 342 -33.26 16.60 -21.94
CA PHE B 342 -34.02 16.26 -20.71
C PHE B 342 -34.51 17.52 -19.97
N PRO B 343 -35.50 17.44 -19.04
CA PRO B 343 -35.97 18.66 -18.36
C PRO B 343 -35.07 19.18 -17.22
N VAL B 344 -34.17 20.13 -17.56
CA VAL B 344 -33.25 20.77 -16.60
C VAL B 344 -33.96 21.99 -15.96
N THR B 345 -34.21 21.90 -14.64
CA THR B 345 -34.93 22.94 -13.88
C THR B 345 -34.20 23.48 -12.65
N GLU B 346 -33.94 24.83 -12.63
CA GLU B 346 -33.32 25.61 -11.54
C GLU B 346 -33.96 25.32 -10.17
N ASN B 347 -33.12 25.13 -9.13
CA ASN B 347 -33.54 24.81 -7.77
C ASN B 347 -33.78 26.08 -6.94
N SER B 348 -34.10 25.94 -5.62
CA SER B 348 -34.32 27.04 -4.68
C SER B 348 -33.15 28.07 -4.63
N LYS B 349 -31.90 27.60 -4.75
CA LYS B 349 -30.68 28.42 -4.78
C LYS B 349 -30.41 28.99 -6.18
N GLY B 350 -31.20 28.53 -7.16
CA GLY B 350 -31.08 28.94 -8.55
C GLY B 350 -30.00 28.20 -9.31
N TYR B 351 -29.77 26.93 -8.97
CA TYR B 351 -28.76 26.10 -9.60
C TYR B 351 -29.39 25.01 -10.48
N LYS B 352 -28.86 24.85 -11.71
CA LYS B 352 -29.35 23.87 -12.71
C LYS B 352 -29.40 22.45 -12.17
N LEU B 353 -30.62 21.93 -11.93
CA LEU B 353 -30.84 20.57 -11.45
C LEU B 353 -31.35 19.68 -12.59
N LEU B 354 -30.90 18.42 -12.61
CA LEU B 354 -31.34 17.43 -13.61
C LEU B 354 -32.55 16.68 -13.02
N PRO B 355 -33.42 16.08 -13.87
CA PRO B 355 -34.55 15.29 -13.34
C PRO B 355 -34.14 14.18 -12.36
N PRO B 356 -34.96 13.81 -11.36
CA PRO B 356 -34.51 12.84 -10.34
C PRO B 356 -34.36 11.36 -10.73
N TYR B 357 -34.32 11.08 -12.03
CA TYR B 357 -34.15 9.74 -12.57
C TYR B 357 -32.84 9.72 -13.38
N LEU B 358 -32.19 10.89 -13.44
CA LEU B 358 -30.95 11.12 -14.15
C LEU B 358 -29.89 11.76 -13.24
N ARG B 359 -28.74 11.06 -13.07
CA ARG B 359 -27.61 11.52 -12.26
C ARG B 359 -26.30 11.26 -12.97
N VAL B 360 -25.21 11.84 -12.48
CA VAL B 360 -23.88 11.69 -13.05
C VAL B 360 -22.87 11.30 -11.97
N ILE B 361 -21.89 10.44 -12.33
CA ILE B 361 -20.79 10.02 -11.48
C ILE B 361 -19.49 10.19 -12.23
N GLN B 362 -18.58 10.99 -11.67
CA GLN B 362 -17.26 11.18 -12.23
C GLN B 362 -16.32 10.27 -11.43
N GLY B 363 -15.85 9.20 -12.07
CA GLY B 363 -14.98 8.21 -11.45
C GLY B 363 -13.51 8.18 -11.87
N ASP B 364 -13.10 9.01 -12.87
CA ASP B 364 -11.72 9.03 -13.38
C ASP B 364 -10.88 10.25 -12.95
N GLY B 365 -9.67 9.96 -12.46
CA GLY B 365 -8.69 10.93 -12.02
C GLY B 365 -9.09 11.76 -10.81
N VAL B 366 -10.07 11.28 -10.04
CA VAL B 366 -10.55 12.04 -8.89
C VAL B 366 -9.63 11.86 -7.65
N ASP B 367 -9.19 12.99 -7.09
CA ASP B 367 -8.37 13.14 -5.88
C ASP B 367 -8.83 14.41 -5.16
N ILE B 368 -8.26 14.71 -3.98
CA ILE B 368 -8.60 15.90 -3.23
C ILE B 368 -8.48 17.19 -4.08
N ASN B 369 -7.43 17.33 -4.92
CA ASN B 369 -7.26 18.53 -5.75
C ASN B 369 -8.24 18.66 -6.90
N THR B 370 -8.39 17.59 -7.70
CA THR B 370 -9.30 17.58 -8.84
C THR B 370 -10.74 17.73 -8.39
N LEU B 371 -11.14 17.16 -7.22
CA LEU B 371 -12.52 17.29 -6.72
C LEU B 371 -12.90 18.76 -6.53
N GLN B 372 -12.01 19.54 -5.91
CA GLN B 372 -12.18 20.98 -5.67
C GLN B 372 -12.46 21.70 -7.00
N GLU B 373 -11.60 21.46 -8.02
CA GLU B 373 -11.67 22.02 -9.38
C GLU B 373 -13.05 21.77 -9.99
N ILE B 374 -13.50 20.48 -9.97
CA ILE B 374 -14.77 19.99 -10.52
C ILE B 374 -15.97 20.70 -9.87
N VAL B 375 -16.13 20.58 -8.52
CA VAL B 375 -17.20 21.21 -7.76
C VAL B 375 -17.24 22.74 -7.92
N GLU B 376 -16.06 23.39 -8.02
CA GLU B 376 -16.00 24.83 -8.22
C GLU B 376 -16.42 25.18 -9.64
N GLY B 377 -15.92 24.40 -10.62
CA GLY B 377 -16.23 24.54 -12.04
C GLY B 377 -17.72 24.40 -12.33
N MET B 378 -18.39 23.45 -11.64
CA MET B 378 -19.83 23.18 -11.73
C MET B 378 -20.64 24.35 -11.17
N LYS B 379 -20.24 24.89 -10.01
CA LYS B 379 -20.84 26.05 -9.33
C LYS B 379 -20.73 27.29 -10.24
N GLN B 380 -19.60 27.39 -10.97
CA GLN B 380 -19.26 28.48 -11.89
C GLN B 380 -20.12 28.44 -13.13
N LYS B 381 -20.47 27.23 -13.60
CA LYS B 381 -21.33 27.02 -14.75
C LYS B 381 -22.80 26.77 -14.31
N MET B 382 -23.11 27.22 -13.07
CA MET B 382 -24.42 27.20 -12.41
C MET B 382 -25.10 25.85 -12.24
N TRP B 383 -24.30 24.79 -12.08
CA TRP B 383 -24.73 23.41 -11.89
C TRP B 383 -24.67 23.02 -10.44
N SER B 384 -25.82 22.56 -9.91
CA SER B 384 -25.96 22.07 -8.55
C SER B 384 -25.11 20.80 -8.34
N ILE B 385 -24.63 20.59 -7.11
CA ILE B 385 -23.78 19.44 -6.75
C ILE B 385 -24.65 18.19 -6.44
N GLU B 386 -25.99 18.36 -6.36
CA GLU B 386 -26.92 17.25 -6.14
C GLU B 386 -26.93 16.34 -7.38
N ASN B 387 -26.53 16.91 -8.53
CA ASN B 387 -26.48 16.26 -9.85
C ASN B 387 -25.42 15.20 -9.92
N ILE B 388 -24.30 15.40 -9.22
CA ILE B 388 -23.12 14.57 -9.25
C ILE B 388 -22.80 13.80 -7.95
N ALA B 389 -21.92 12.79 -8.10
CA ALA B 389 -21.28 11.95 -7.10
C ALA B 389 -19.93 11.65 -7.69
N PHE B 390 -18.96 11.29 -6.85
CA PHE B 390 -17.60 11.06 -7.30
C PHE B 390 -17.09 9.72 -6.89
N GLY B 391 -16.15 9.23 -7.67
CA GLY B 391 -15.52 7.95 -7.40
C GLY B 391 -14.02 8.06 -7.41
N SER B 392 -13.38 7.59 -6.32
CA SER B 392 -11.94 7.66 -6.28
C SER B 392 -11.26 6.35 -5.93
N GLY B 393 -10.21 6.04 -6.68
CA GLY B 393 -9.46 4.80 -6.53
C GLY B 393 -8.09 4.94 -5.90
N GLY B 394 -7.07 5.09 -6.75
CA GLY B 394 -5.68 5.25 -6.33
C GLY B 394 -5.44 6.49 -5.49
N GLY B 395 -6.05 7.60 -5.88
CA GLY B 395 -5.98 8.86 -5.15
C GLY B 395 -6.55 8.79 -3.74
N LEU B 396 -7.60 7.97 -3.54
CA LEU B 396 -8.24 7.80 -2.23
C LEU B 396 -7.47 6.90 -1.27
N LEU B 397 -7.09 5.69 -1.70
CA LEU B 397 -6.49 4.68 -0.84
C LEU B 397 -5.00 4.39 -1.03
N GLN B 398 -4.37 4.85 -2.12
CA GLN B 398 -2.99 4.44 -2.40
C GLN B 398 -1.98 5.53 -2.54
N LYS B 399 -2.33 6.67 -3.17
CA LYS B 399 -1.36 7.75 -3.35
C LYS B 399 -1.26 8.60 -2.06
N LEU B 400 -0.81 7.95 -1.00
CA LEU B 400 -0.70 8.55 0.33
C LEU B 400 0.53 8.05 1.03
N THR B 401 1.22 8.93 1.75
CA THR B 401 2.43 8.56 2.50
C THR B 401 2.38 9.07 3.94
N ARG B 402 3.24 8.49 4.82
CA ARG B 402 3.49 8.84 6.21
C ARG B 402 3.90 10.33 6.33
N ASP B 403 4.49 10.91 5.27
CA ASP B 403 4.92 12.31 5.22
C ASP B 403 3.76 13.27 5.05
N LEU B 404 2.63 12.83 4.49
CA LEU B 404 1.49 13.73 4.30
C LEU B 404 1.05 14.48 5.58
N LEU B 405 0.89 13.77 6.69
CA LEU B 405 0.50 14.34 7.97
C LEU B 405 1.66 14.34 8.97
N ASN B 406 2.91 14.15 8.50
CA ASN B 406 4.16 14.00 9.28
C ASN B 406 3.94 13.06 10.43
N CYS B 407 3.45 11.85 10.11
CA CYS B 407 3.16 10.80 11.07
C CYS B 407 4.48 10.39 11.69
N SER B 408 4.63 10.73 12.97
CA SER B 408 5.85 10.57 13.76
C SER B 408 5.69 9.68 14.99
N PHE B 409 6.64 8.75 15.15
CA PHE B 409 6.74 7.89 16.31
C PHE B 409 8.12 8.12 16.92
N LYS B 410 8.16 8.60 18.20
CA LYS B 410 9.43 8.92 18.90
C LYS B 410 9.42 8.46 20.36
N CYS B 411 10.60 8.06 20.83
CA CYS B 411 10.81 7.77 22.24
C CYS B 411 10.98 9.13 22.97
N SER B 412 10.12 9.41 23.95
CA SER B 412 10.15 10.71 24.66
C SER B 412 10.70 10.62 26.09
N TYR B 413 10.65 9.43 26.67
CA TYR B 413 11.02 9.16 28.04
C TYR B 413 11.63 7.77 28.13
N VAL B 414 12.73 7.66 28.89
CA VAL B 414 13.48 6.44 29.21
C VAL B 414 13.87 6.48 30.71
N VAL B 415 13.71 5.33 31.43
CA VAL B 415 14.16 5.22 32.83
C VAL B 415 15.35 4.27 32.89
N THR B 416 16.56 4.84 33.07
CA THR B 416 17.81 4.10 33.22
C THR B 416 18.34 4.31 34.61
N ASN B 417 18.65 3.20 35.32
CA ASN B 417 19.21 3.19 36.68
C ASN B 417 18.35 4.00 37.66
N GLY B 418 17.03 3.84 37.57
CA GLY B 418 16.06 4.51 38.41
C GLY B 418 15.84 5.97 38.07
N LEU B 419 16.70 6.53 37.20
CA LEU B 419 16.68 7.92 36.74
C LEU B 419 15.87 8.15 35.44
N GLY B 420 14.80 8.94 35.56
CA GLY B 420 13.92 9.30 34.45
C GLY B 420 14.57 10.33 33.55
N ILE B 421 14.95 9.93 32.33
CA ILE B 421 15.58 10.85 31.39
C ILE B 421 14.67 11.25 30.23
N ASN B 422 14.70 12.54 29.87
CA ASN B 422 13.91 13.06 28.76
C ASN B 422 14.81 13.10 27.54
N VAL B 423 14.40 12.36 26.49
CA VAL B 423 15.12 12.23 25.22
C VAL B 423 14.34 12.83 24.03
N PHE B 424 15.08 13.51 23.14
CA PHE B 424 14.56 14.15 21.94
C PHE B 424 15.64 14.15 20.87
N LYS B 425 15.32 13.61 19.69
CA LYS B 425 16.32 13.57 18.63
C LYS B 425 16.39 14.93 17.92
N ASP B 426 17.55 15.63 18.06
CA ASP B 426 17.77 16.94 17.45
C ASP B 426 18.94 16.98 16.44
N PRO B 427 18.79 16.36 15.23
CA PRO B 427 19.87 16.44 14.23
C PRO B 427 19.85 17.78 13.48
N VAL B 428 20.44 17.86 12.25
CA VAL B 428 20.49 19.08 11.43
C VAL B 428 19.87 18.89 10.03
N ARG B 434 11.80 16.04 15.34
CA ARG B 434 12.12 16.21 16.76
C ARG B 434 11.14 15.51 17.72
N SER B 435 11.03 15.99 18.99
CA SER B 435 10.17 15.36 20.00
C SER B 435 9.60 16.30 21.08
N LYS B 436 8.60 15.75 21.80
CA LYS B 436 7.93 16.25 22.99
C LYS B 436 8.70 15.57 24.14
N LYS B 437 8.60 16.06 25.38
CA LYS B 437 9.40 15.48 26.45
C LYS B 437 8.63 14.83 27.59
N GLY B 438 9.21 13.77 28.14
CA GLY B 438 8.68 12.99 29.26
C GLY B 438 7.34 12.33 29.01
N ARG B 439 6.63 11.96 30.09
CA ARG B 439 5.31 11.35 30.02
C ARG B 439 4.31 12.39 29.49
N LEU B 440 3.52 11.99 28.47
CA LEU B 440 2.57 12.91 27.85
C LEU B 440 1.13 12.67 28.19
N SER B 441 0.31 13.71 28.06
CA SER B 441 -1.12 13.60 28.32
C SER B 441 -1.85 14.49 27.32
N LEU B 442 -3.14 14.25 27.10
CA LEU B 442 -3.92 15.07 26.17
C LEU B 442 -5.16 15.68 26.82
N HIS B 443 -5.32 17.00 26.64
CA HIS B 443 -6.43 17.70 27.28
C HIS B 443 -7.16 18.67 26.38
N ARG B 444 -8.42 18.92 26.73
CA ARG B 444 -9.25 19.92 26.07
C ARG B 444 -9.47 21.05 27.08
N THR B 445 -9.07 22.25 26.71
CA THR B 445 -9.15 23.43 27.57
C THR B 445 -10.61 23.95 27.71
N PRO B 446 -10.92 24.84 28.71
CA PRO B 446 -12.30 25.39 28.78
C PRO B 446 -12.68 26.12 27.49
N ALA B 447 -11.71 26.84 26.88
CA ALA B 447 -11.86 27.57 25.61
C ALA B 447 -12.09 26.65 24.42
N GLY B 448 -11.73 25.38 24.58
CA GLY B 448 -11.94 24.32 23.59
C GLY B 448 -10.72 23.94 22.79
N ASN B 449 -9.54 24.42 23.23
CA ASN B 449 -8.28 24.11 22.53
C ASN B 449 -7.84 22.75 23.00
N PHE B 450 -7.01 22.11 22.19
CA PHE B 450 -6.43 20.83 22.52
C PHE B 450 -4.98 21.10 22.90
N VAL B 451 -4.56 20.57 24.04
CA VAL B 451 -3.18 20.74 24.47
C VAL B 451 -2.59 19.44 24.92
N THR B 452 -1.34 19.21 24.51
CA THR B 452 -0.54 18.06 24.93
C THR B 452 0.35 18.54 26.10
N LEU B 453 0.14 17.95 27.28
CA LEU B 453 0.93 18.29 28.45
C LEU B 453 2.08 17.32 28.59
N GLU B 454 3.30 17.88 28.50
CA GLU B 454 4.63 17.25 28.55
C GLU B 454 5.18 17.03 29.98
N GLU B 455 6.28 16.24 30.08
CA GLU B 455 7.04 15.92 31.30
C GLU B 455 6.24 15.50 32.55
N GLY B 456 5.12 14.83 32.35
CA GLY B 456 4.27 14.36 33.44
C GLY B 456 3.38 15.40 34.11
N LYS B 457 3.35 16.64 33.57
CA LYS B 457 2.56 17.78 34.09
C LYS B 457 1.05 17.54 34.20
N GLY B 458 0.55 16.54 33.46
CA GLY B 458 -0.86 16.14 33.46
C GLY B 458 -1.41 15.71 34.81
N ASP B 459 -0.51 15.25 35.73
CA ASP B 459 -0.82 14.82 37.10
C ASP B 459 -1.61 15.88 37.88
N LEU B 460 -1.20 17.16 37.76
CA LEU B 460 -1.81 18.35 38.41
C LEU B 460 -3.33 18.47 38.13
N GLU B 461 -3.78 18.09 36.91
CA GLU B 461 -5.18 18.10 36.45
C GLU B 461 -5.85 19.48 36.39
N GLU B 462 -5.16 20.45 35.74
CA GLU B 462 -5.65 21.82 35.55
C GLU B 462 -6.72 21.82 34.45
N TYR B 463 -6.35 21.33 33.24
CA TYR B 463 -7.17 21.28 32.03
C TYR B 463 -8.07 20.03 31.90
N GLY B 464 -8.53 19.51 33.03
CA GLY B 464 -9.42 18.35 33.08
C GLY B 464 -8.74 16.98 33.07
N GLN B 465 -9.40 16.02 32.42
CA GLN B 465 -8.98 14.61 32.32
C GLN B 465 -8.24 14.28 31.03
N ASP B 466 -7.36 13.26 31.11
CA ASP B 466 -6.57 12.75 30.00
C ASP B 466 -7.49 12.14 28.96
N LEU B 467 -7.33 12.56 27.69
CA LEU B 467 -8.15 12.06 26.59
C LEU B 467 -7.62 10.72 26.08
N LEU B 468 -6.39 10.38 26.50
CA LEU B 468 -5.72 9.13 26.19
C LEU B 468 -6.20 8.09 27.21
N HIS B 469 -6.94 7.09 26.74
CA HIS B 469 -7.47 6.03 27.61
C HIS B 469 -6.73 4.75 27.32
N THR B 470 -6.47 3.97 28.39
CA THR B 470 -5.80 2.66 28.25
C THR B 470 -6.71 1.79 27.37
N VAL B 471 -6.18 1.44 26.20
CA VAL B 471 -6.84 0.61 25.18
C VAL B 471 -6.20 -0.79 25.14
N PHE B 472 -5.04 -0.94 25.79
CA PHE B 472 -4.31 -2.20 25.79
C PHE B 472 -3.39 -2.33 26.98
N LYS B 473 -3.43 -3.48 27.67
CA LYS B 473 -2.53 -3.76 28.81
C LYS B 473 -2.28 -5.23 28.96
N ASN B 474 -1.01 -5.64 28.97
CA ASN B 474 -0.58 -7.02 29.18
C ASN B 474 -1.33 -8.12 28.41
N GLY B 475 -1.59 -7.87 27.12
CA GLY B 475 -2.22 -8.84 26.24
C GLY B 475 -3.71 -8.71 26.01
N LYS B 476 -4.36 -7.72 26.64
CA LYS B 476 -5.80 -7.54 26.50
C LYS B 476 -6.13 -6.14 26.01
N VAL B 477 -7.19 -6.06 25.20
CA VAL B 477 -7.76 -4.82 24.69
C VAL B 477 -8.70 -4.34 25.82
N THR B 478 -8.23 -3.36 26.61
CA THR B 478 -8.97 -2.82 27.76
C THR B 478 -10.16 -1.96 27.36
N LYS B 479 -10.10 -1.33 26.17
CA LYS B 479 -11.20 -0.51 25.65
C LYS B 479 -11.36 -0.65 24.14
N SER B 480 -12.59 -0.87 23.70
CA SER B 480 -12.96 -0.99 22.29
C SER B 480 -14.01 0.04 21.94
N TYR B 481 -14.12 0.35 20.65
CA TYR B 481 -15.08 1.32 20.09
C TYR B 481 -15.81 0.64 18.94
N SER B 482 -17.09 1.00 18.75
CA SER B 482 -17.90 0.47 17.64
C SER B 482 -17.70 1.44 16.45
N PHE B 483 -18.07 1.05 15.23
CA PHE B 483 -17.95 1.90 14.06
C PHE B 483 -18.90 3.13 14.11
N ASP B 484 -20.07 2.95 14.74
CA ASP B 484 -21.09 4.00 14.93
C ASP B 484 -20.58 5.16 15.75
N GLU B 485 -19.86 4.85 16.84
CA GLU B 485 -19.21 5.79 17.77
C GLU B 485 -18.16 6.57 17.00
N ILE B 486 -17.25 5.85 16.32
CA ILE B 486 -16.16 6.41 15.48
C ILE B 486 -16.70 7.43 14.46
N ARG B 487 -17.81 7.07 13.76
CA ARG B 487 -18.46 7.95 12.80
C ARG B 487 -19.03 9.16 13.50
N LYS B 488 -19.65 8.97 14.70
CA LYS B 488 -20.19 10.09 15.49
C LYS B 488 -19.04 11.06 15.85
N ASN B 489 -17.92 10.51 16.38
CA ASN B 489 -16.73 11.29 16.75
C ASN B 489 -16.12 12.04 15.57
N ALA B 490 -16.16 11.43 14.34
CA ALA B 490 -15.53 11.99 13.13
C ALA B 490 -16.38 12.87 12.28
N GLN B 491 -17.61 13.13 12.73
CA GLN B 491 -18.58 13.99 12.06
C GLN B 491 -18.03 15.36 11.76
N LEU B 492 -18.53 15.98 10.71
CA LEU B 492 -18.13 17.36 10.40
C LEU B 492 -18.75 18.29 11.43
N ASN B 493 -18.05 19.40 11.76
CA ASN B 493 -18.53 20.40 12.73
C ASN B 493 -19.82 21.08 12.28
N ILE B 494 -19.98 21.19 10.96
CA ILE B 494 -21.10 21.75 10.21
C ILE B 494 -22.33 20.79 10.07
N GLU B 495 -22.14 19.46 10.29
CA GLU B 495 -23.22 18.45 10.19
C GLU B 495 -24.26 18.56 11.31
C1 C5V C . 24.41 -2.35 4.32
C2 C5V C . 23.63 -2.08 5.60
C3 C5V C . 23.95 -1.00 6.42
C11 C5V C . 27.81 -3.88 4.52
C12 C5V C . 27.00 -5.03 4.53
C13 C5V C . 25.58 -4.52 4.46
C14 C5V C . 29.21 -3.98 4.57
C15 C5V C . 29.77 -5.27 4.62
C16 C5V C . 28.95 -6.43 4.61
C17 C5V C . 27.54 -6.33 4.57
C20 C5V C . 20.79 0.09 9.35
C21 C5V C . 19.56 0.20 10.25
C23 C5V C . 18.70 1.45 9.87
C24 C5V C . 19.35 1.35 11.27
C25 C5V C . 17.17 1.33 9.73
C26 C5V C . 16.38 2.49 9.89
C28 C5V C . 14.39 1.29 9.40
C29 C5V C . 15.13 0.10 9.19
C30 C5V C . 16.54 0.13 9.33
C4 C5V C . 23.14 -0.70 7.53
C5 C5V C . 22.02 -1.50 7.87
C6 C5V C . 21.67 -2.52 6.98
C7 C5V C . 22.46 -2.81 5.86
N8 C5V C . 21.06 -1.17 8.88
N9 C5V C . 25.59 -3.17 4.49
C10 C5V C . 26.86 -2.71 4.45
O18 C5V C . 27.21 -1.53 4.45
O19 C5V C . 24.60 -5.24 4.42
O22 C5V C . 21.44 1.12 9.08
N27 C5V C . 15.03 2.44 9.73
C1 C5V D . -23.25 7.13 -6.75
C2 C5V D . -22.62 5.89 -7.39
C3 C5V D . -22.79 5.62 -8.76
C11 C5V D . -26.47 6.09 -5.12
C12 C5V D . -26.91 7.13 -5.95
C13 C5V D . -25.68 7.62 -6.67
C14 C5V D . -27.34 5.39 -4.26
C15 C5V D . -28.69 5.79 -4.28
C16 C5V D . -29.14 6.83 -5.13
C17 C5V D . -28.25 7.52 -5.98
C20 C5V D . -19.73 2.77 -10.21
C21 C5V D . -18.81 1.63 -10.58
C23 C5V D . -17.42 2.09 -11.12
C24 C5V D . -18.37 1.27 -12.01
C25 C5V D . -16.19 1.42 -10.48
C26 C5V D . -14.92 1.64 -11.06
C28 C5V D . -13.88 0.35 -9.35
C29 C5V D . -15.12 0.11 -8.72
C30 C5V D . -16.27 0.67 -9.29
C4 C5V D . -22.15 4.52 -9.35
C5 C5V D . -21.34 3.66 -8.59
C6 C5V D . -21.14 3.97 -7.24
C7 C5V D . -21.77 5.06 -6.64
N8 C5V D . -20.55 2.60 -9.13
N9 C5V D . -24.61 6.89 -6.29
C10 C5V D . -24.99 5.97 -5.37
O18 C5V D . -24.29 5.12 -4.81
O19 C5V D . -25.71 8.57 -7.47
O22 C5V D . -19.66 3.81 -10.88
N27 C5V D . -13.82 1.09 -10.48
#